data_2BHZ
#
_entry.id   2BHZ
#
_cell.length_a   59.145
_cell.length_b   66.565
_cell.length_c   153.501
_cell.angle_alpha   90.00
_cell.angle_beta   90.00
_cell.angle_gamma   90.00
#
_symmetry.space_group_name_H-M   'P 21 21 21'
#
loop_
_entity.id
_entity.type
_entity.pdbx_description
1 polymer 'MALTOOLIGOSYLTREHALOSE TREHALOHYDROLASE'
2 branched alpha-D-glucopyranose-(1-4)-alpha-D-glucopyranose
3 non-polymer BETA-MERCAPTOETHANOL
4 non-polymer 2-AMINO-2-HYDROXYMETHYL-PROPANE-1,3-DIOL
5 non-polymer 'MAGNESIUM ION'
6 water water
#
_entity_poly.entity_id   1
_entity_poly.type   'polypeptide(L)'
_entity_poly.pdbx_seq_one_letter_code
;(MSE)TQTQPVTPTPPASFQTQHDPRTRLGATPLPGGAGTRFRLWTSTARTVAVRVNGTEHV(MSE)TSLGGGIYELELP
VGPGARYLFVLDGVPTPDPYARFLPDGVHGEAEVVDFGTFDWTDADWHGIKLADCVFYEVHVGTFTPEGTYRAAAEKLPY
LKELGVTAIQV(MSE)PLAAFDGQRGWGYDGAAFYAPYAPYGRPEDL(MSE)ALVDAAHRLGLGVFLDVVYNHFGPSGNY
LSSYAPSYFTDRFSSAWG(MSE)GLDYAEPH(MSE)RRYVTGNAR(MSE)WLRDYHFDGLRLDATPY(MSE)TDDSETHI
LTELAQEIHELGGTHLLLAEDHRNLPDLVTVNHLDGIWTDDFHHETRVTLTGEQEGYYAGYRGGAEALAYTIRRGWRYEG
QFWAVKGEEHERGHPSDALEAPNFVYCIQNHDQIGNRPLGERLHQSDGVTLHEYRGAAALLLTLP(MSE)TPLLFQGQEW
AASTPFQFFSDHAGELGQAVSEGRKKEFGGFSGFSGEDVPDPQAEQTFLNSKLNWAEREGGEHARTLRLYRDLLRLRRED
PVLHNRQRENLTTGHDGDVLWVRTVTGAGERVLLWNLGQDTRAVAEVKLPFTVPRRLLLHTEGREDLTLGAGEAVLVG
;
_entity_poly.pdbx_strand_id   A
#
loop_
_chem_comp.id
_chem_comp.type
_chem_comp.name
_chem_comp.formula
BME non-polymer BETA-MERCAPTOETHANOL 'C2 H6 O S'
GLC D-saccharide, alpha linking alpha-D-glucopyranose 'C6 H12 O6'
MG non-polymer 'MAGNESIUM ION' 'Mg 2'
TRS non-polymer 2-AMINO-2-HYDROXYMETHYL-PROPANE-1,3-DIOL 'C4 H12 N O3 1'
#
# COMPACT_ATOMS: atom_id res chain seq x y z
N SER A 14 3.33 -25.90 15.79
CA SER A 14 2.14 -26.80 15.71
C SER A 14 0.95 -26.28 14.89
N PHE A 15 0.96 -25.03 14.45
CA PHE A 15 -0.05 -24.54 13.51
C PHE A 15 0.01 -25.35 12.22
N GLN A 16 -1.15 -25.85 11.79
CA GLN A 16 -1.26 -26.55 10.52
C GLN A 16 -2.12 -25.70 9.59
N THR A 17 -1.62 -25.44 8.39
CA THR A 17 -2.40 -24.66 7.43
C THR A 17 -3.75 -25.34 7.18
N GLN A 18 -4.76 -24.50 6.93
CA GLN A 18 -6.07 -25.00 6.57
C GLN A 18 -6.18 -25.32 5.09
N HIS A 19 -5.09 -25.11 4.34
CA HIS A 19 -5.09 -25.28 2.90
C HIS A 19 -4.35 -26.54 2.47
N ASP A 20 -4.94 -27.26 1.52
CA ASP A 20 -4.34 -28.46 0.94
C ASP A 20 -4.66 -28.35 -0.54
N PRO A 21 -3.67 -28.47 -1.43
CA PRO A 21 -3.96 -28.43 -2.84
C PRO A 21 -5.04 -29.40 -3.32
N ARG A 22 -5.17 -30.55 -2.68
N ARG A 22 -5.14 -30.57 -2.67
CA ARG A 22 -6.16 -31.58 -2.95
CA ARG A 22 -6.15 -31.57 -3.04
C ARG A 22 -7.59 -31.08 -2.90
C ARG A 22 -7.62 -31.11 -2.87
N THR A 23 -7.82 -30.14 -1.97
CA THR A 23 -9.16 -29.59 -1.72
C THR A 23 -9.31 -28.11 -2.09
N ARG A 24 -8.35 -27.58 -2.86
CA ARG A 24 -8.35 -26.18 -3.23
C ARG A 24 -9.59 -25.82 -4.04
N LEU A 25 -10.29 -24.75 -3.66
CA LEU A 25 -11.44 -24.28 -4.42
C LEU A 25 -10.98 -23.60 -5.71
N GLY A 26 -11.82 -23.69 -6.74
CA GLY A 26 -11.47 -23.16 -8.06
C GLY A 26 -11.10 -24.27 -9.02
N ALA A 27 -10.17 -23.97 -9.92
CA ALA A 27 -9.70 -24.91 -10.91
C ALA A 27 -8.19 -25.10 -10.71
N THR A 28 -7.79 -26.31 -10.41
CA THR A 28 -6.38 -26.58 -10.11
C THR A 28 -5.89 -27.73 -10.99
N PRO A 29 -4.83 -27.52 -11.78
CA PRO A 29 -4.28 -28.63 -12.55
C PRO A 29 -3.90 -29.84 -11.71
N LEU A 30 -4.19 -31.03 -12.25
CA LEU A 30 -3.91 -32.32 -11.60
C LEU A 30 -2.51 -32.80 -11.96
N PRO A 31 -1.89 -33.60 -11.10
CA PRO A 31 -0.62 -34.22 -11.45
C PRO A 31 -0.74 -35.22 -12.60
N GLY A 32 0.40 -35.53 -13.23
CA GLY A 32 0.47 -36.56 -14.24
C GLY A 32 -0.28 -36.22 -15.53
N GLY A 33 -0.53 -34.93 -15.77
CA GLY A 33 -1.24 -34.52 -16.97
C GLY A 33 -2.67 -35.02 -17.03
N ALA A 34 -3.27 -35.30 -15.88
CA ALA A 34 -4.61 -35.86 -15.82
C ALA A 34 -5.71 -34.83 -16.07
N GLY A 35 -5.38 -33.56 -16.03
CA GLY A 35 -6.35 -32.50 -16.31
C GLY A 35 -6.45 -31.49 -15.18
N THR A 36 -7.69 -31.18 -14.80
CA THR A 36 -7.98 -30.12 -13.86
C THR A 36 -9.05 -30.60 -12.90
N ARG A 37 -8.86 -30.27 -11.62
CA ARG A 37 -9.89 -30.47 -10.60
C ARG A 37 -10.64 -29.16 -10.35
N PHE A 38 -11.95 -29.20 -10.52
CA PHE A 38 -12.83 -28.08 -10.25
C PHE A 38 -13.55 -28.33 -8.92
N ARG A 39 -13.54 -27.33 -8.04
CA ARG A 39 -14.23 -27.43 -6.75
C ARG A 39 -14.89 -26.09 -6.43
N LEU A 40 -16.04 -26.17 -5.75
CA LEU A 40 -16.73 -24.99 -5.25
C LEU A 40 -17.47 -25.35 -3.97
N TRP A 41 -17.84 -24.31 -3.22
CA TRP A 41 -18.76 -24.42 -2.09
C TRP A 41 -20.01 -23.63 -2.40
N THR A 42 -21.18 -24.26 -2.24
CA THR A 42 -22.43 -23.53 -2.32
C THR A 42 -23.39 -24.01 -1.24
N SER A 43 -24.04 -23.06 -0.57
CA SER A 43 -24.97 -23.36 0.50
C SER A 43 -26.40 -23.41 0.00
N THR A 44 -26.65 -22.91 -1.20
CA THR A 44 -28.03 -22.71 -1.70
C THR A 44 -28.37 -23.41 -3.02
N ALA A 45 -27.40 -23.69 -3.88
CA ALA A 45 -27.72 -24.24 -5.19
C ALA A 45 -28.29 -25.65 -5.10
N ARG A 46 -29.23 -25.97 -5.99
CA ARG A 46 -29.77 -27.31 -6.08
C ARG A 46 -29.24 -28.09 -7.28
N THR A 47 -28.83 -27.40 -8.34
CA THR A 47 -28.10 -28.04 -9.44
C THR A 47 -26.78 -27.31 -9.62
N VAL A 48 -25.73 -28.09 -9.84
CA VAL A 48 -24.37 -27.55 -9.88
C VAL A 48 -23.60 -28.22 -11.01
N ALA A 49 -23.11 -27.41 -11.94
CA ALA A 49 -22.32 -27.89 -13.06
C ALA A 49 -21.15 -26.98 -13.32
N VAL A 50 -20.17 -27.49 -14.06
CA VAL A 50 -19.10 -26.66 -14.59
C VAL A 50 -19.23 -26.65 -16.11
N ARG A 51 -19.08 -25.47 -16.70
CA ARG A 51 -19.11 -25.33 -18.15
C ARG A 51 -17.69 -25.04 -18.60
N VAL A 52 -17.08 -25.99 -19.31
CA VAL A 52 -15.68 -25.88 -19.70
C VAL A 52 -15.62 -25.87 -21.21
N ASN A 53 -15.02 -24.82 -21.77
CA ASN A 53 -14.94 -24.64 -23.22
C ASN A 53 -16.30 -24.87 -23.89
N GLY A 54 -17.35 -24.38 -23.24
CA GLY A 54 -18.70 -24.43 -23.78
C GLY A 54 -19.54 -25.66 -23.43
N THR A 55 -18.95 -26.68 -22.82
CA THR A 55 -19.65 -27.93 -22.51
C THR A 55 -19.93 -28.03 -21.01
N GLU A 56 -21.17 -28.35 -20.66
N GLU A 56 -21.19 -28.27 -20.65
CA GLU A 56 -21.61 -28.44 -19.27
CA GLU A 56 -21.58 -28.43 -19.24
C GLU A 56 -21.46 -29.87 -18.73
C GLU A 56 -21.39 -29.87 -18.76
N HIS A 57 -20.89 -29.98 -17.53
CA HIS A 57 -20.71 -31.28 -16.85
C HIS A 57 -21.21 -31.14 -15.41
N VAL A 58 -22.11 -32.02 -14.99
N VAL A 58 -22.13 -32.00 -15.00
CA VAL A 58 -22.65 -32.01 -13.64
CA VAL A 58 -22.66 -31.97 -13.65
C VAL A 58 -21.53 -32.35 -12.65
C VAL A 58 -21.56 -32.36 -12.64
N MSE A 59 -21.47 -31.61 -11.55
CA MSE A 59 -20.47 -31.84 -10.52
C MSE A 59 -20.98 -32.75 -9.42
O MSE A 59 -22.19 -32.84 -9.18
CB MSE A 59 -20.00 -30.50 -9.95
CG MSE A 59 -19.27 -29.67 -11.01
SE MSE A 59 -18.79 -27.88 -10.40
CE MSE A 59 -17.30 -28.35 -9.27
N THR A 60 -20.06 -33.40 -8.73
CA THR A 60 -20.36 -34.37 -7.69
C THR A 60 -20.50 -33.70 -6.34
N SER A 61 -21.61 -33.99 -5.65
CA SER A 61 -21.86 -33.48 -4.30
C SER A 61 -21.12 -34.31 -3.26
N LEU A 62 -20.30 -33.65 -2.45
CA LEU A 62 -19.49 -34.34 -1.44
C LEU A 62 -20.00 -34.18 0.00
N GLY A 63 -20.97 -33.30 0.20
CA GLY A 63 -21.45 -32.95 1.53
C GLY A 63 -20.84 -31.64 1.98
N GLY A 64 -21.53 -30.96 2.89
CA GLY A 64 -21.10 -29.65 3.33
C GLY A 64 -21.20 -28.59 2.25
N GLY A 65 -21.96 -28.86 1.20
CA GLY A 65 -22.08 -27.92 0.07
C GLY A 65 -20.88 -27.91 -0.85
N ILE A 66 -19.98 -28.87 -0.70
CA ILE A 66 -18.81 -28.97 -1.55
C ILE A 66 -19.15 -29.79 -2.78
N TYR A 67 -18.75 -29.29 -3.94
CA TYR A 67 -18.94 -29.96 -5.22
C TYR A 67 -17.61 -30.03 -5.94
N GLU A 68 -17.39 -31.13 -6.66
CA GLU A 68 -16.12 -31.40 -7.31
C GLU A 68 -16.30 -32.14 -8.63
N LEU A 69 -15.41 -31.88 -9.56
CA LEU A 69 -15.29 -32.69 -10.76
C LEU A 69 -13.89 -32.59 -11.33
N GLU A 70 -13.36 -33.72 -11.78
CA GLU A 70 -12.10 -33.77 -12.49
C GLU A 70 -12.34 -34.02 -13.98
N LEU A 71 -11.69 -33.23 -14.83
CA LEU A 71 -11.80 -33.39 -16.28
C LEU A 71 -10.43 -33.26 -16.93
N PRO A 72 -10.20 -33.94 -18.05
CA PRO A 72 -8.90 -33.89 -18.75
C PRO A 72 -8.61 -32.62 -19.54
N VAL A 73 -8.92 -31.47 -18.98
CA VAL A 73 -8.60 -30.19 -19.61
C VAL A 73 -7.40 -29.61 -18.89
N GLY A 74 -6.66 -28.75 -19.59
CA GLY A 74 -5.43 -28.20 -19.06
C GLY A 74 -5.43 -26.69 -18.96
N PRO A 75 -4.26 -26.16 -18.64
CA PRO A 75 -4.09 -24.72 -18.56
C PRO A 75 -4.54 -24.06 -19.86
N GLY A 76 -5.25 -22.95 -19.72
CA GLY A 76 -5.83 -22.24 -20.85
C GLY A 76 -7.29 -22.56 -21.10
N ALA A 77 -7.79 -23.67 -20.56
CA ALA A 77 -9.21 -23.99 -20.67
C ALA A 77 -10.03 -22.87 -20.03
N ARG A 78 -11.19 -22.61 -20.62
N ARG A 78 -11.17 -22.59 -20.65
CA ARG A 78 -12.06 -21.54 -20.17
CA ARG A 78 -12.07 -21.54 -20.18
C ARG A 78 -13.31 -22.09 -19.51
C ARG A 78 -13.24 -22.18 -19.45
N TYR A 79 -13.68 -21.57 -18.35
CA TYR A 79 -14.78 -22.14 -17.60
C TYR A 79 -15.53 -21.12 -16.74
N LEU A 80 -16.75 -21.51 -16.38
CA LEU A 80 -17.45 -20.89 -15.27
C LEU A 80 -18.35 -21.98 -14.67
N PHE A 81 -19.05 -21.64 -13.60
CA PHE A 81 -19.92 -22.60 -12.94
C PHE A 81 -21.36 -22.26 -13.25
N VAL A 82 -22.21 -23.27 -13.19
CA VAL A 82 -23.62 -23.10 -13.52
C VAL A 82 -24.42 -23.52 -12.30
N LEU A 83 -25.06 -22.54 -11.66
CA LEU A 83 -25.76 -22.72 -10.40
C LEU A 83 -27.23 -22.56 -10.66
N ASP A 84 -28.01 -23.63 -10.47
CA ASP A 84 -29.44 -23.59 -10.79
C ASP A 84 -29.67 -23.03 -12.19
N GLY A 85 -28.82 -23.43 -13.14
CA GLY A 85 -28.95 -23.02 -14.54
C GLY A 85 -28.37 -21.67 -14.90
N VAL A 86 -27.81 -20.95 -13.92
CA VAL A 86 -27.28 -19.61 -14.16
C VAL A 86 -25.75 -19.66 -14.28
N PRO A 87 -25.19 -19.33 -15.45
CA PRO A 87 -23.74 -19.24 -15.59
C PRO A 87 -23.20 -18.13 -14.68
N THR A 88 -22.19 -18.48 -13.88
CA THR A 88 -21.69 -17.63 -12.81
C THR A 88 -20.17 -17.70 -12.79
N PRO A 89 -19.47 -16.56 -12.88
CA PRO A 89 -18.02 -16.59 -12.75
C PRO A 89 -17.50 -17.25 -11.46
N ASP A 90 -16.29 -17.77 -11.52
CA ASP A 90 -15.64 -18.42 -10.38
C ASP A 90 -15.00 -17.36 -9.49
N PRO A 91 -15.44 -17.20 -8.24
CA PRO A 91 -14.76 -16.27 -7.32
C PRO A 91 -13.29 -16.62 -7.04
N TYR A 92 -12.92 -17.87 -7.29
CA TYR A 92 -11.56 -18.35 -7.12
C TYR A 92 -10.78 -18.36 -8.44
N ALA A 93 -11.30 -17.69 -9.46
CA ALA A 93 -10.63 -17.61 -10.76
C ALA A 93 -9.20 -17.13 -10.59
N ARG A 94 -8.28 -17.77 -11.28
CA ARG A 94 -6.89 -17.35 -11.30
C ARG A 94 -6.58 -16.37 -12.44
N PHE A 95 -7.48 -16.25 -13.40
CA PHE A 95 -7.37 -15.23 -14.43
C PHE A 95 -8.71 -15.08 -15.13
N LEU A 96 -9.04 -13.84 -15.48
CA LEU A 96 -10.33 -13.49 -16.09
C LEU A 96 -10.03 -12.65 -17.33
N PRO A 97 -9.68 -13.30 -18.43
CA PRO A 97 -9.20 -12.57 -19.61
C PRO A 97 -10.23 -11.64 -20.25
N ASP A 98 -11.51 -11.91 -20.05
CA ASP A 98 -12.59 -11.08 -20.59
C ASP A 98 -13.24 -10.25 -19.52
N GLY A 99 -12.57 -10.08 -18.39
CA GLY A 99 -13.09 -9.27 -17.30
C GLY A 99 -13.93 -10.03 -16.30
N VAL A 100 -14.48 -9.29 -15.36
CA VAL A 100 -15.04 -9.89 -14.15
C VAL A 100 -16.37 -10.60 -14.36
N HIS A 101 -17.01 -10.41 -15.51
CA HIS A 101 -18.28 -11.10 -15.80
C HIS A 101 -18.12 -12.26 -16.76
N GLY A 102 -16.87 -12.58 -17.10
CA GLY A 102 -16.60 -13.59 -18.10
C GLY A 102 -16.07 -14.91 -17.56
N GLU A 103 -15.67 -15.77 -18.49
CA GLU A 103 -15.09 -17.05 -18.15
C GLU A 103 -13.71 -16.89 -17.54
N ALA A 104 -13.35 -17.81 -16.66
CA ALA A 104 -12.00 -17.86 -16.09
C ALA A 104 -11.14 -18.74 -16.96
N GLU A 105 -9.83 -18.59 -16.81
N GLU A 105 -9.82 -18.55 -16.84
CA GLU A 105 -8.87 -19.45 -17.48
CA GLU A 105 -8.84 -19.46 -17.41
C GLU A 105 -8.19 -20.31 -16.41
C GLU A 105 -8.27 -20.35 -16.34
N VAL A 106 -7.98 -21.60 -16.70
CA VAL A 106 -7.23 -22.48 -15.83
C VAL A 106 -5.77 -22.05 -15.93
N VAL A 107 -5.14 -21.87 -14.77
CA VAL A 107 -3.74 -21.43 -14.68
C VAL A 107 -2.92 -22.50 -13.95
N ASP A 108 -1.75 -22.82 -14.49
CA ASP A 108 -0.78 -23.70 -13.83
C ASP A 108 0.41 -22.85 -13.38
N PHE A 109 0.61 -22.76 -12.06
CA PHE A 109 1.69 -21.95 -11.49
C PHE A 109 3.07 -22.60 -11.57
N GLY A 110 3.13 -23.87 -11.98
CA GLY A 110 4.37 -24.62 -12.04
C GLY A 110 5.16 -24.50 -13.32
N THR A 111 4.64 -23.85 -14.34
N THR A 111 4.58 -23.87 -14.33
CA THR A 111 5.33 -23.81 -15.63
CA THR A 111 5.19 -23.73 -15.66
C THR A 111 6.30 -22.63 -15.81
C THR A 111 6.31 -22.69 -15.69
N PHE A 112 6.04 -21.53 -15.11
CA PHE A 112 6.92 -20.36 -15.23
C PHE A 112 8.34 -20.68 -14.77
N ASP A 113 9.31 -20.24 -15.56
N ASP A 113 9.31 -20.16 -15.51
CA ASP A 113 10.72 -20.44 -15.21
CA ASP A 113 10.73 -20.41 -15.27
C ASP A 113 11.23 -19.25 -14.40
C ASP A 113 11.36 -19.30 -14.42
N TRP A 114 11.23 -19.41 -13.09
CA TRP A 114 11.78 -18.42 -12.17
C TRP A 114 13.29 -18.47 -12.16
N THR A 115 13.95 -17.37 -11.83
CA THR A 115 15.41 -17.33 -11.67
C THR A 115 15.82 -16.80 -10.30
N ASP A 116 14.86 -16.81 -9.36
CA ASP A 116 15.05 -16.22 -8.03
C ASP A 116 15.08 -17.27 -6.91
N ALA A 117 15.59 -18.46 -7.22
CA ALA A 117 15.65 -19.52 -6.21
C ALA A 117 16.52 -19.14 -5.02
N ASP A 118 17.49 -18.26 -5.23
CA ASP A 118 18.40 -17.86 -4.15
C ASP A 118 18.06 -16.48 -3.57
N TRP A 119 16.85 -15.99 -3.84
CA TRP A 119 16.37 -14.75 -3.24
C TRP A 119 15.74 -15.06 -1.89
N HIS A 120 16.10 -14.28 -0.88
CA HIS A 120 15.71 -14.62 0.49
C HIS A 120 14.86 -13.55 1.15
N GLY A 121 14.22 -12.70 0.33
CA GLY A 121 13.31 -11.68 0.87
C GLY A 121 14.04 -10.48 1.42
N ILE A 122 13.31 -9.66 2.17
CA ILE A 122 13.87 -8.43 2.70
C ILE A 122 13.26 -8.19 4.07
N LYS A 123 14.08 -7.66 4.98
N LYS A 123 14.08 -7.69 5.00
CA LYS A 123 13.62 -7.30 6.31
CA LYS A 123 13.59 -7.35 6.33
C LYS A 123 12.98 -5.92 6.30
C LYS A 123 13.00 -5.94 6.32
N LEU A 124 11.99 -5.73 7.16
CA LEU A 124 11.27 -4.46 7.18
C LEU A 124 12.21 -3.29 7.44
N ALA A 125 13.18 -3.48 8.34
CA ALA A 125 14.14 -2.43 8.69
C ALA A 125 15.05 -2.02 7.51
N ASP A 126 15.08 -2.84 6.46
CA ASP A 126 15.83 -2.54 5.23
C ASP A 126 14.96 -2.04 4.09
N CYS A 127 13.66 -1.89 4.33
CA CYS A 127 12.72 -1.42 3.30
C CYS A 127 12.69 0.08 3.17
N VAL A 128 12.84 0.55 1.92
CA VAL A 128 12.40 1.87 1.50
C VAL A 128 11.41 1.58 0.40
N PHE A 129 10.13 1.81 0.67
CA PHE A 129 9.08 1.45 -0.28
C PHE A 129 8.92 2.49 -1.36
N TYR A 130 8.52 2.02 -2.53
CA TYR A 130 8.21 2.86 -3.67
C TYR A 130 6.87 2.39 -4.21
N GLU A 131 5.85 3.23 -4.03
CA GLU A 131 4.47 2.84 -4.36
C GLU A 131 4.18 3.06 -5.84
N VAL A 132 3.82 1.96 -6.50
N VAL A 132 3.86 1.97 -6.53
CA VAL A 132 3.57 1.91 -7.94
CA VAL A 132 3.57 2.03 -7.95
C VAL A 132 2.11 1.61 -8.22
C VAL A 132 2.14 1.61 -8.25
N HIS A 133 1.52 2.38 -9.13
CA HIS A 133 0.21 2.07 -9.68
C HIS A 133 0.46 1.61 -11.11
N VAL A 134 0.24 0.33 -11.39
CA VAL A 134 0.72 -0.24 -12.67
C VAL A 134 0.13 0.52 -13.87
N GLY A 135 -1.14 0.90 -13.80
CA GLY A 135 -1.77 1.55 -14.92
C GLY A 135 -1.23 2.90 -15.32
N THR A 136 -0.70 3.66 -14.36
CA THR A 136 -0.19 5.02 -14.60
C THR A 136 1.32 5.13 -14.56
N PHE A 137 1.99 4.10 -14.06
CA PHE A 137 3.43 4.15 -13.86
C PHE A 137 4.20 4.28 -15.18
N THR A 138 3.62 3.75 -16.27
CA THR A 138 4.20 3.85 -17.60
C THR A 138 3.11 4.20 -18.61
N PRO A 139 3.48 4.68 -19.80
CA PRO A 139 2.51 4.86 -20.86
C PRO A 139 1.70 3.59 -21.12
N GLU A 140 2.36 2.44 -21.25
CA GLU A 140 1.66 1.20 -21.55
C GLU A 140 0.75 0.80 -20.40
N GLY A 141 1.16 1.07 -19.17
CA GLY A 141 0.37 0.75 -18.00
C GLY A 141 0.29 -0.75 -17.73
N THR A 142 1.40 -1.45 -17.98
CA THR A 142 1.46 -2.91 -17.87
C THR A 142 2.63 -3.34 -17.01
N TYR A 143 2.62 -4.60 -16.59
CA TYR A 143 3.74 -5.16 -15.84
C TYR A 143 5.03 -5.13 -16.67
N ARG A 144 4.92 -5.47 -17.94
CA ARG A 144 6.10 -5.56 -18.81
C ARG A 144 6.79 -4.21 -18.91
N ALA A 145 6.01 -3.15 -19.08
CA ALA A 145 6.59 -1.82 -19.16
C ALA A 145 7.18 -1.40 -17.80
N ALA A 146 6.49 -1.75 -16.70
CA ALA A 146 7.00 -1.44 -15.37
C ALA A 146 8.37 -2.10 -15.13
N ALA A 147 8.52 -3.33 -15.59
CA ALA A 147 9.77 -4.07 -15.38
C ALA A 147 10.97 -3.35 -15.98
N GLU A 148 10.76 -2.65 -17.10
CA GLU A 148 11.85 -1.92 -17.75
C GLU A 148 12.31 -0.70 -16.96
N LYS A 149 11.52 -0.24 -16.00
CA LYS A 149 11.90 0.86 -15.12
C LYS A 149 12.61 0.37 -13.85
N LEU A 150 12.73 -0.94 -13.65
CA LEU A 150 13.35 -1.46 -12.43
C LEU A 150 14.82 -1.04 -12.26
N PRO A 151 15.64 -1.06 -13.31
CA PRO A 151 17.01 -0.56 -13.14
C PRO A 151 17.05 0.90 -12.64
N TYR A 152 16.16 1.73 -13.14
CA TYR A 152 16.04 3.11 -12.65
C TYR A 152 15.74 3.13 -11.14
N LEU A 153 14.82 2.29 -10.69
CA LEU A 153 14.47 2.25 -9.26
C LEU A 153 15.62 1.73 -8.40
N LYS A 154 16.32 0.71 -8.90
CA LYS A 154 17.48 0.18 -8.18
C LYS A 154 18.54 1.27 -8.03
N GLU A 155 18.83 1.98 -9.10
CA GLU A 155 19.84 3.03 -9.05
C GLU A 155 19.39 4.20 -8.16
N LEU A 156 18.10 4.51 -8.19
CA LEU A 156 17.54 5.56 -7.34
C LEU A 156 17.88 5.30 -5.87
N GLY A 157 17.72 4.04 -5.47
CA GLY A 157 18.09 3.61 -4.12
C GLY A 157 16.94 3.13 -3.25
N VAL A 158 15.76 2.96 -3.82
CA VAL A 158 14.68 2.31 -3.08
C VAL A 158 14.95 0.82 -3.06
N THR A 159 14.31 0.10 -2.14
CA THR A 159 14.61 -1.32 -1.96
C THR A 159 13.42 -2.25 -2.06
N ALA A 160 12.20 -1.72 -2.07
CA ALA A 160 11.00 -2.55 -2.15
C ALA A 160 9.93 -1.80 -2.90
N ILE A 161 9.37 -2.45 -3.90
N ILE A 161 9.33 -2.49 -3.86
N ILE A 161 9.35 -2.45 -3.90
CA ILE A 161 8.27 -1.88 -4.65
CA ILE A 161 8.25 -1.95 -4.68
CA ILE A 161 8.26 -1.84 -4.68
C ILE A 161 6.99 -2.25 -3.92
C ILE A 161 6.93 -2.28 -4.01
C ILE A 161 6.91 -2.27 -4.11
N GLN A 162 6.09 -1.27 -3.78
CA GLN A 162 4.78 -1.47 -3.15
C GLN A 162 3.72 -1.30 -4.24
N VAL A 163 3.16 -2.40 -4.71
CA VAL A 163 2.27 -2.40 -5.87
C VAL A 163 0.83 -2.27 -5.41
N MSE A 164 0.11 -1.30 -5.98
CA MSE A 164 -1.30 -1.09 -5.66
C MSE A 164 -2.13 -2.28 -6.19
O MSE A 164 -1.64 -3.07 -7.00
CB MSE A 164 -1.75 0.25 -6.24
CG MSE A 164 -1.16 1.40 -5.43
SE MSE A 164 -1.61 3.16 -6.14
CE MSE A 164 -3.54 3.13 -5.80
N PRO A 165 -3.35 -2.46 -5.68
CA PRO A 165 -4.01 -3.75 -5.86
C PRO A 165 -4.17 -4.24 -7.30
N LEU A 166 -4.01 -5.55 -7.45
CA LEU A 166 -4.03 -6.20 -8.74
C LEU A 166 -5.23 -7.12 -8.94
N ALA A 167 -6.06 -7.34 -7.92
CA ALA A 167 -7.24 -8.20 -8.10
C ALA A 167 -8.16 -7.60 -9.16
N ALA A 168 -8.69 -8.46 -10.02
CA ALA A 168 -9.52 -8.00 -11.11
C ALA A 168 -10.74 -7.21 -10.64
N PHE A 169 -10.93 -6.06 -11.27
CA PHE A 169 -12.08 -5.19 -11.08
C PHE A 169 -12.67 -4.84 -12.44
N ASP A 170 -13.88 -4.26 -12.43
CA ASP A 170 -14.54 -3.94 -13.69
C ASP A 170 -13.99 -2.65 -14.29
N GLY A 171 -14.05 -2.56 -15.61
CA GLY A 171 -13.55 -1.40 -16.32
C GLY A 171 -12.12 -1.55 -16.78
N GLN A 172 -11.64 -0.54 -17.52
CA GLN A 172 -10.33 -0.59 -18.16
C GLN A 172 -9.23 0.20 -17.44
N ARG A 173 -9.59 0.88 -16.36
CA ARG A 173 -8.61 1.46 -15.45
C ARG A 173 -9.24 1.64 -14.10
N GLY A 174 -8.40 1.77 -13.08
CA GLY A 174 -8.85 2.00 -11.72
C GLY A 174 -7.68 1.90 -10.78
N TRP A 175 -7.85 2.40 -9.56
CA TRP A 175 -6.77 2.33 -8.57
C TRP A 175 -6.50 0.89 -8.10
N GLY A 176 -7.56 0.10 -8.00
CA GLY A 176 -7.47 -1.27 -7.53
C GLY A 176 -8.42 -1.60 -6.37
N TYR A 177 -8.99 -0.60 -5.71
CA TYR A 177 -9.79 -0.85 -4.50
C TYR A 177 -11.22 -1.29 -4.82
N ASP A 178 -11.55 -1.42 -6.11
CA ASP A 178 -12.80 -2.06 -6.54
C ASP A 178 -12.58 -3.52 -6.94
N GLY A 179 -11.42 -4.09 -6.60
CA GLY A 179 -11.17 -5.50 -6.84
C GLY A 179 -12.30 -6.38 -6.35
N ALA A 180 -12.64 -7.36 -7.18
CA ALA A 180 -13.75 -8.27 -6.88
C ALA A 180 -13.37 -9.74 -6.94
N ALA A 181 -12.40 -10.11 -7.77
CA ALA A 181 -11.96 -11.49 -7.92
C ALA A 181 -10.52 -11.52 -7.43
N PHE A 182 -10.34 -11.84 -6.15
CA PHE A 182 -9.07 -11.54 -5.48
C PHE A 182 -7.89 -12.34 -5.99
N TYR A 183 -8.14 -13.50 -6.59
CA TYR A 183 -7.09 -14.40 -7.04
C TYR A 183 -6.70 -14.17 -8.50
N ALA A 184 -7.37 -13.24 -9.19
CA ALA A 184 -7.21 -13.05 -10.64
C ALA A 184 -6.52 -11.72 -10.92
N PRO A 185 -5.25 -11.72 -11.35
CA PRO A 185 -4.61 -10.47 -11.69
C PRO A 185 -5.31 -9.75 -12.84
N TYR A 186 -5.50 -8.45 -12.67
CA TYR A 186 -6.30 -7.60 -13.56
C TYR A 186 -5.80 -7.64 -15.00
N ALA A 187 -6.61 -8.14 -15.92
CA ALA A 187 -6.12 -8.49 -17.25
C ALA A 187 -5.46 -7.34 -18.05
N PRO A 188 -5.97 -6.12 -18.01
CA PRO A 188 -5.32 -5.05 -18.77
C PRO A 188 -3.85 -4.84 -18.43
N TYR A 189 -3.42 -5.21 -17.22
CA TYR A 189 -2.02 -5.04 -16.86
C TYR A 189 -1.10 -6.11 -17.45
N GLY A 190 -1.67 -7.26 -17.83
CA GLY A 190 -0.90 -8.38 -18.33
C GLY A 190 -1.45 -9.71 -17.88
N ARG A 191 -0.86 -10.77 -18.43
CA ARG A 191 -1.25 -12.14 -18.06
C ARG A 191 -0.50 -12.57 -16.80
N PRO A 192 -0.89 -13.68 -16.18
CA PRO A 192 -0.20 -14.13 -14.97
C PRO A 192 1.32 -14.20 -15.14
N GLU A 193 1.79 -14.73 -16.26
N GLU A 193 1.78 -14.74 -16.27
CA GLU A 193 3.24 -14.86 -16.48
CA GLU A 193 3.21 -14.88 -16.56
C GLU A 193 3.95 -13.51 -16.65
C GLU A 193 3.94 -13.53 -16.66
N ASP A 194 3.23 -12.49 -17.08
CA ASP A 194 3.79 -11.15 -17.15
C ASP A 194 4.04 -10.57 -15.75
N LEU A 195 3.12 -10.85 -14.82
CA LEU A 195 3.32 -10.45 -13.44
C LEU A 195 4.50 -11.22 -12.81
N MSE A 196 4.55 -12.53 -13.05
CA MSE A 196 5.67 -13.33 -12.57
C MSE A 196 6.99 -12.79 -13.11
O MSE A 196 7.95 -12.69 -12.36
CB MSE A 196 5.46 -14.79 -12.94
CG MSE A 196 4.29 -15.40 -12.22
SE MSE A 196 3.99 -17.24 -12.75
CE MSE A 196 2.16 -17.35 -12.30
N ALA A 197 7.03 -12.41 -14.38
CA ALA A 197 8.25 -11.87 -14.97
C ALA A 197 8.67 -10.57 -14.30
N LEU A 198 7.71 -9.72 -13.91
CA LEU A 198 8.01 -8.48 -13.20
C LEU A 198 8.66 -8.77 -11.85
N VAL A 199 8.06 -9.68 -11.08
CA VAL A 199 8.60 -10.03 -9.77
C VAL A 199 9.98 -10.68 -9.91
N ASP A 200 10.13 -11.58 -10.88
CA ASP A 200 11.41 -12.22 -11.11
C ASP A 200 12.49 -11.19 -11.44
N ALA A 201 12.14 -10.22 -12.27
CA ALA A 201 13.10 -9.17 -12.66
C ALA A 201 13.49 -8.30 -11.45
N ALA A 202 12.52 -8.00 -10.60
CA ALA A 202 12.80 -7.22 -9.39
C ALA A 202 13.78 -7.98 -8.51
N HIS A 203 13.50 -9.26 -8.29
CA HIS A 203 14.38 -10.07 -7.46
C HIS A 203 15.80 -10.18 -8.04
N ARG A 204 15.92 -10.28 -9.36
CA ARG A 204 17.25 -10.33 -9.99
C ARG A 204 18.06 -9.08 -9.65
N LEU A 205 17.40 -7.95 -9.51
CA LEU A 205 18.06 -6.68 -9.14
C LEU A 205 18.17 -6.49 -7.62
N GLY A 206 17.69 -7.46 -6.86
CA GLY A 206 17.78 -7.38 -5.40
C GLY A 206 16.70 -6.51 -4.77
N LEU A 207 15.61 -6.27 -5.49
CA LEU A 207 14.48 -5.49 -4.98
C LEU A 207 13.37 -6.39 -4.47
N GLY A 208 12.81 -6.06 -3.32
CA GLY A 208 11.60 -6.70 -2.84
C GLY A 208 10.36 -6.19 -3.56
N VAL A 209 9.30 -6.98 -3.52
CA VAL A 209 8.02 -6.62 -4.13
C VAL A 209 6.89 -6.96 -3.16
N PHE A 210 6.07 -5.95 -2.86
CA PHE A 210 4.96 -6.07 -1.93
C PHE A 210 3.67 -5.79 -2.69
N LEU A 211 2.56 -6.38 -2.25
CA LEU A 211 1.27 -6.20 -2.89
C LEU A 211 0.24 -5.68 -1.90
N ASP A 212 -0.49 -4.67 -2.34
CA ASP A 212 -1.66 -4.15 -1.65
C ASP A 212 -2.83 -5.10 -1.89
N VAL A 213 -3.42 -5.61 -0.81
CA VAL A 213 -4.57 -6.50 -0.89
C VAL A 213 -5.70 -5.94 -0.04
N VAL A 214 -6.93 -6.23 -0.44
CA VAL A 214 -8.09 -5.57 0.13
C VAL A 214 -8.99 -6.62 0.74
N TYR A 215 -8.83 -6.89 2.03
CA TYR A 215 -9.57 -7.95 2.69
C TYR A 215 -10.65 -7.42 3.62
N ASN A 216 -11.01 -6.15 3.43
CA ASN A 216 -12.11 -5.55 4.18
C ASN A 216 -13.40 -5.39 3.38
N HIS A 217 -13.32 -5.48 2.05
CA HIS A 217 -14.51 -5.34 1.20
C HIS A 217 -14.22 -5.86 -0.20
N PHE A 218 -15.30 -6.19 -0.91
CA PHE A 218 -15.26 -6.47 -2.34
C PHE A 218 -15.83 -5.30 -3.10
N GLY A 219 -15.32 -5.07 -4.31
CA GLY A 219 -15.83 -4.01 -5.15
C GLY A 219 -17.25 -4.25 -5.62
N PRO A 220 -17.87 -3.20 -6.17
CA PRO A 220 -19.30 -3.19 -6.46
C PRO A 220 -19.74 -3.90 -7.74
N SER A 221 -18.80 -4.36 -8.56
CA SER A 221 -19.11 -5.11 -9.77
C SER A 221 -18.16 -6.28 -9.90
N GLY A 222 -18.70 -7.46 -10.12
CA GLY A 222 -17.89 -8.66 -10.35
C GLY A 222 -17.71 -9.59 -9.16
N ASN A 223 -18.34 -9.30 -8.03
CA ASN A 223 -18.25 -10.18 -6.88
C ASN A 223 -19.45 -11.10 -6.86
N TYR A 224 -19.24 -12.35 -7.24
CA TYR A 224 -20.32 -13.34 -7.33
C TYR A 224 -20.37 -14.28 -6.12
N LEU A 225 -19.64 -14.01 -5.04
CA LEU A 225 -19.60 -14.95 -3.92
C LEU A 225 -20.98 -15.28 -3.33
N SER A 226 -21.85 -14.29 -3.25
N SER A 226 -21.85 -14.28 -3.25
N SER A 226 -21.85 -14.29 -3.25
CA SER A 226 -23.18 -14.50 -2.67
CA SER A 226 -23.19 -14.49 -2.69
CA SER A 226 -23.18 -14.48 -2.69
C SER A 226 -24.05 -15.43 -3.52
C SER A 226 -24.04 -15.44 -3.52
C SER A 226 -24.05 -15.41 -3.53
N SER A 227 -23.74 -15.54 -4.81
CA SER A 227 -24.43 -16.49 -5.69
C SER A 227 -24.17 -17.93 -5.27
N TYR A 228 -23.00 -18.15 -4.67
CA TYR A 228 -22.60 -19.46 -4.13
C TYR A 228 -23.12 -19.66 -2.70
N ALA A 229 -22.88 -18.68 -1.84
CA ALA A 229 -23.29 -18.77 -0.43
C ALA A 229 -23.43 -17.37 0.13
N PRO A 230 -24.66 -16.93 0.42
CA PRO A 230 -24.81 -15.61 1.04
C PRO A 230 -24.01 -15.46 2.34
N SER A 231 -23.72 -16.57 3.01
CA SER A 231 -23.03 -16.55 4.30
C SER A 231 -21.52 -16.28 4.24
N TYR A 232 -20.97 -16.06 3.05
CA TYR A 232 -19.67 -15.41 2.97
C TYR A 232 -19.71 -14.02 3.64
N PHE A 233 -20.89 -13.39 3.62
CA PHE A 233 -21.06 -12.02 4.09
C PHE A 233 -22.02 -11.97 5.25
N THR A 234 -22.00 -10.84 5.94
CA THR A 234 -22.92 -10.64 7.04
C THR A 234 -23.43 -9.23 7.05
N ASP A 235 -24.67 -9.07 7.52
CA ASP A 235 -25.20 -7.73 7.79
C ASP A 235 -24.90 -7.24 9.22
N ARG A 236 -24.02 -7.94 9.93
N ARG A 236 -24.05 -7.93 9.96
CA ARG A 236 -23.63 -7.54 11.29
CA ARG A 236 -23.70 -7.46 11.30
C ARG A 236 -22.90 -6.19 11.30
C ARG A 236 -22.99 -6.11 11.25
N PHE A 237 -22.14 -5.93 10.24
CA PHE A 237 -21.35 -4.69 10.09
C PHE A 237 -21.10 -4.46 8.60
N SER A 238 -20.64 -3.27 8.27
N SER A 238 -20.65 -3.26 8.28
CA SER A 238 -20.26 -2.92 6.91
CA SER A 238 -20.33 -2.88 6.90
C SER A 238 -19.12 -1.91 6.95
C SER A 238 -19.24 -1.81 6.90
N SER A 239 -18.50 -1.71 5.80
CA SER A 239 -17.48 -0.66 5.64
C SER A 239 -18.09 0.45 4.81
N ALA A 240 -17.29 1.49 4.53
CA ALA A 240 -17.76 2.58 3.69
C ALA A 240 -17.91 2.15 2.23
N TRP A 241 -17.37 0.99 1.87
CA TRP A 241 -17.31 0.58 0.47
C TRP A 241 -18.08 -0.70 0.13
N GLY A 242 -18.63 -1.39 1.12
CA GLY A 242 -19.39 -2.59 0.83
C GLY A 242 -19.86 -3.37 2.05
N MSE A 243 -20.56 -4.48 1.81
N MSE A 243 -20.54 -4.49 1.81
N MSE A 243 -20.53 -4.49 1.76
N MSE A 243 -20.52 -4.49 1.78
CA MSE A 243 -21.06 -5.30 2.90
CA MSE A 243 -21.06 -5.30 2.90
CA MSE A 243 -20.98 -5.48 2.76
CA MSE A 243 -21.04 -5.40 2.80
C MSE A 243 -19.92 -5.99 3.65
C MSE A 243 -19.92 -5.99 3.65
C MSE A 243 -19.92 -6.02 3.63
C MSE A 243 -19.85 -5.94 3.67
O MSE A 243 -18.82 -6.17 3.11
O MSE A 243 -18.82 -6.17 3.11
O MSE A 243 -18.79 -6.16 3.14
O MSE A 243 -18.68 -5.91 3.29
CB MSE A 243 -22.09 -6.32 2.39
CB MSE A 243 -22.05 -6.34 2.36
CB MSE A 243 -21.50 -6.73 2.06
CB MSE A 243 -21.86 -6.53 2.13
CG MSE A 243 -21.55 -7.43 1.49
CG MSE A 243 -21.42 -7.41 1.48
CG MSE A 243 -22.91 -6.67 1.53
CG MSE A 243 -23.14 -6.08 1.41
SE MSE A 243 -22.61 -8.27 0.44
SE MSE A 243 -21.66 -7.08 -0.28
SE MSE A 243 -23.52 -8.33 1.12
SE MSE A 243 -23.74 -7.24 0.14
CE MSE A 243 -21.08 -8.64 -0.93
CE MSE A 243 -21.52 -8.93 -0.81
CE MSE A 243 -25.16 -7.93 0.50
CE MSE A 243 -25.50 -6.86 0.12
N GLY A 244 -20.21 -6.40 4.87
CA GLY A 244 -19.25 -7.02 5.75
C GLY A 244 -18.86 -8.42 5.29
N LEU A 245 -17.56 -8.68 5.31
CA LEU A 245 -17.01 -10.01 5.08
C LEU A 245 -17.09 -10.75 6.40
N ASP A 246 -17.78 -11.89 6.42
CA ASP A 246 -18.03 -12.57 7.70
C ASP A 246 -16.90 -13.51 8.08
N TYR A 247 -15.99 -13.02 8.89
CA TYR A 247 -14.86 -13.83 9.34
C TYR A 247 -15.21 -14.82 10.46
N ALA A 248 -16.47 -14.87 10.87
CA ALA A 248 -16.97 -16.01 11.64
C ALA A 248 -17.24 -17.23 10.75
N GLU A 249 -17.28 -17.05 9.43
CA GLU A 249 -17.49 -18.14 8.49
C GLU A 249 -16.13 -18.64 8.00
N PRO A 250 -15.72 -19.86 8.35
CA PRO A 250 -14.42 -20.35 7.91
C PRO A 250 -14.14 -20.29 6.40
N HIS A 251 -15.14 -20.47 5.54
CA HIS A 251 -14.87 -20.36 4.11
C HIS A 251 -14.47 -18.94 3.73
N MSE A 252 -14.99 -17.91 4.41
CA MSE A 252 -14.60 -16.52 4.16
C MSE A 252 -13.17 -16.28 4.65
O MSE A 252 -12.37 -15.65 3.96
CB MSE A 252 -15.60 -15.59 4.85
CG MSE A 252 -15.40 -14.10 4.61
SE MSE A 252 -15.72 -13.48 2.79
CE MSE A 252 -13.90 -13.20 2.24
N ARG A 253 -12.84 -16.79 5.84
CA ARG A 253 -11.47 -16.72 6.35
C ARG A 253 -10.50 -17.31 5.34
N ARG A 254 -10.82 -18.51 4.85
CA ARG A 254 -9.94 -19.20 3.92
C ARG A 254 -9.90 -18.53 2.55
N TYR A 255 -10.96 -17.83 2.15
CA TYR A 255 -10.90 -17.08 0.90
C TYR A 255 -9.71 -16.11 0.96
N VAL A 256 -9.57 -15.37 2.04
CA VAL A 256 -8.48 -14.41 2.11
C VAL A 256 -7.13 -15.03 2.50
N THR A 257 -7.10 -16.04 3.39
CA THR A 257 -5.80 -16.63 3.70
C THR A 257 -5.24 -17.43 2.51
N GLY A 258 -6.11 -18.07 1.73
CA GLY A 258 -5.67 -18.77 0.53
C GLY A 258 -5.17 -17.77 -0.50
N ASN A 259 -5.79 -16.60 -0.54
CA ASN A 259 -5.36 -15.56 -1.45
C ASN A 259 -3.98 -15.04 -1.08
N ALA A 260 -3.77 -14.76 0.20
CA ALA A 260 -2.48 -14.29 0.68
C ALA A 260 -1.38 -15.28 0.33
N ARG A 261 -1.66 -16.57 0.53
CA ARG A 261 -0.70 -17.62 0.23
C ARG A 261 -0.41 -17.71 -1.27
N MSE A 262 -1.43 -17.50 -2.12
CA MSE A 262 -1.19 -17.49 -3.56
C MSE A 262 -0.21 -16.40 -3.96
O MSE A 262 0.74 -16.62 -4.68
CB MSE A 262 -2.50 -17.30 -4.34
CG MSE A 262 -2.28 -17.28 -5.85
SE MSE A 262 -3.70 -16.47 -6.88
CE MSE A 262 -3.35 -14.63 -6.39
N TRP A 263 -0.46 -15.15 -3.52
CA TRP A 263 0.42 -14.07 -3.92
C TRP A 263 1.86 -14.33 -3.50
N LEU A 264 2.05 -14.81 -2.27
CA LEU A 264 3.39 -15.03 -1.75
C LEU A 264 4.06 -16.26 -2.38
N ARG A 265 3.36 -17.40 -2.41
CA ARG A 265 3.94 -18.63 -2.94
C ARG A 265 3.98 -18.66 -4.45
N ASP A 266 2.86 -18.38 -5.09
CA ASP A 266 2.73 -18.61 -6.53
C ASP A 266 3.25 -17.46 -7.37
N TYR A 267 3.19 -16.22 -6.85
CA TYR A 267 3.70 -15.04 -7.54
C TYR A 267 4.99 -14.49 -6.94
N HIS A 268 5.48 -15.12 -5.87
CA HIS A 268 6.78 -14.78 -5.26
C HIS A 268 6.85 -13.36 -4.68
N PHE A 269 5.71 -12.79 -4.30
CA PHE A 269 5.75 -11.53 -3.57
C PHE A 269 6.45 -11.73 -2.22
N ASP A 270 7.02 -10.64 -1.70
CA ASP A 270 7.76 -10.65 -0.45
C ASP A 270 6.97 -10.17 0.74
N GLY A 271 5.80 -9.61 0.51
CA GLY A 271 4.97 -9.13 1.59
C GLY A 271 3.67 -8.59 1.06
N LEU A 272 2.73 -8.37 1.97
CA LEU A 272 1.43 -7.82 1.65
C LEU A 272 1.16 -6.62 2.54
N ARG A 273 0.49 -5.63 1.96
CA ARG A 273 0.00 -4.47 2.66
C ARG A 273 -1.52 -4.62 2.72
N LEU A 274 -2.04 -4.79 3.93
CA LEU A 274 -3.46 -5.05 4.13
C LEU A 274 -4.22 -3.72 4.23
N ASP A 275 -5.05 -3.45 3.23
CA ASP A 275 -5.86 -2.25 3.19
C ASP A 275 -6.87 -2.22 4.33
N ALA A 276 -7.01 -1.05 4.95
CA ALA A 276 -8.08 -0.73 5.90
C ALA A 276 -8.41 -1.85 6.88
N THR A 277 -7.39 -2.26 7.63
CA THR A 277 -7.58 -3.31 8.62
C THR A 277 -8.60 -3.00 9.72
N PRO A 278 -8.91 -1.73 10.07
CA PRO A 278 -9.98 -1.52 11.07
C PRO A 278 -11.33 -2.08 10.67
N TYR A 279 -11.54 -2.29 9.37
CA TYR A 279 -12.82 -2.78 8.86
C TYR A 279 -12.81 -4.27 8.54
N MSE A 280 -11.75 -4.96 8.91
CA MSE A 280 -11.75 -6.42 8.97
C MSE A 280 -12.27 -6.84 10.33
O MSE A 280 -11.54 -7.32 11.19
CB MSE A 280 -10.36 -6.96 8.70
CG MSE A 280 -9.86 -6.63 7.30
SE MSE A 280 -8.07 -7.23 6.97
CE MSE A 280 -8.41 -9.15 7.04
N THR A 281 -13.56 -6.63 10.53
CA THR A 281 -14.17 -6.89 11.82
C THR A 281 -14.28 -8.38 12.04
N ASP A 282 -13.84 -8.84 13.21
CA ASP A 282 -13.88 -10.26 13.54
C ASP A 282 -13.86 -10.42 15.04
N ASP A 283 -14.86 -11.14 15.57
CA ASP A 283 -14.95 -11.40 17.00
C ASP A 283 -14.58 -12.82 17.37
N SER A 284 -14.04 -13.57 16.41
CA SER A 284 -13.55 -14.92 16.65
C SER A 284 -12.43 -14.96 17.69
N GLU A 285 -12.29 -16.11 18.34
N GLU A 285 -12.26 -16.07 18.40
N GLU A 285 -12.29 -16.09 18.36
CA GLU A 285 -11.26 -16.30 19.36
CA GLU A 285 -11.20 -16.11 19.41
CA GLU A 285 -11.24 -16.29 19.37
C GLU A 285 -9.86 -15.99 18.82
C GLU A 285 -9.84 -15.85 18.77
C GLU A 285 -9.87 -15.93 18.79
N THR A 286 -9.56 -16.50 17.63
CA THR A 286 -8.35 -16.15 16.90
C THR A 286 -8.78 -15.16 15.81
N HIS A 287 -8.27 -13.95 15.89
CA HIS A 287 -8.64 -12.92 14.93
C HIS A 287 -8.10 -13.29 13.54
N ILE A 288 -8.84 -12.94 12.51
CA ILE A 288 -8.41 -13.20 11.13
C ILE A 288 -7.01 -12.64 10.85
N LEU A 289 -6.63 -11.52 11.44
CA LEU A 289 -5.29 -10.97 11.23
C LEU A 289 -4.23 -11.92 11.79
N THR A 290 -4.49 -12.48 12.96
CA THR A 290 -3.58 -13.47 13.56
C THR A 290 -3.46 -14.72 12.69
N GLU A 291 -4.60 -15.17 12.17
CA GLU A 291 -4.62 -16.35 11.30
C GLU A 291 -3.93 -16.08 9.95
N LEU A 292 -4.10 -14.87 9.41
CA LEU A 292 -3.35 -14.50 8.21
C LEU A 292 -1.84 -14.60 8.46
N ALA A 293 -1.40 -14.07 9.60
CA ALA A 293 0.03 -14.17 9.94
C ALA A 293 0.47 -15.64 10.07
N GLN A 294 -0.34 -16.47 10.73
CA GLN A 294 -0.03 -17.89 10.85
C GLN A 294 0.08 -18.55 9.48
N GLU A 295 -0.88 -18.27 8.61
CA GLU A 295 -0.95 -18.89 7.29
C GLU A 295 0.19 -18.48 6.40
N ILE A 296 0.63 -17.23 6.44
N ILE A 296 0.62 -17.23 6.53
CA ILE A 296 1.74 -16.83 5.57
CA ILE A 296 1.81 -16.71 5.85
C ILE A 296 3.07 -17.30 6.14
C ILE A 296 3.07 -17.31 6.49
N HIS A 297 3.20 -17.28 7.46
N HIS A 297 3.18 -17.30 7.82
CA HIS A 297 4.39 -17.82 8.13
CA HIS A 297 4.36 -17.90 8.42
C HIS A 297 4.56 -19.34 7.85
C HIS A 297 4.55 -19.36 8.05
N GLU A 298 3.45 -20.06 7.72
CA GLU A 298 3.51 -21.49 7.46
C GLU A 298 4.26 -21.80 6.17
N LEU A 299 4.30 -20.85 5.23
CA LEU A 299 5.06 -21.05 3.98
C LEU A 299 6.55 -21.22 4.21
N GLY A 300 7.05 -20.89 5.40
CA GLY A 300 8.44 -21.16 5.72
C GLY A 300 9.43 -20.24 5.06
N GLY A 301 9.02 -18.99 4.82
CA GLY A 301 9.89 -17.98 4.23
C GLY A 301 10.05 -16.79 5.16
N THR A 302 10.37 -15.65 4.56
CA THR A 302 10.59 -14.41 5.30
C THR A 302 9.58 -13.32 4.92
N HIS A 303 8.45 -13.75 4.36
CA HIS A 303 7.39 -12.85 3.91
C HIS A 303 6.87 -11.99 5.04
N LEU A 304 6.52 -10.74 4.72
CA LEU A 304 6.06 -9.75 5.70
C LEU A 304 4.59 -9.36 5.50
N LEU A 305 3.97 -8.94 6.60
N LEU A 305 4.02 -8.73 6.52
CA LEU A 305 2.62 -8.40 6.57
CA LEU A 305 2.65 -8.19 6.47
C LEU A 305 2.59 -7.04 7.22
C LEU A 305 2.61 -6.74 7.00
N LEU A 306 2.00 -6.08 6.53
N LEU A 306 2.00 -5.80 6.27
CA LEU A 306 1.79 -4.73 7.05
CA LEU A 306 1.82 -4.46 6.79
C LEU A 306 0.30 -4.41 7.06
C LEU A 306 0.33 -4.18 6.89
N ALA A 307 -0.10 -3.56 7.98
CA ALA A 307 -1.50 -3.12 8.11
C ALA A 307 -1.64 -1.63 7.82
N GLU A 308 -2.58 -1.25 6.96
CA GLU A 308 -2.98 0.14 6.88
C GLU A 308 -4.09 0.34 7.90
N ASP A 309 -3.74 0.92 9.04
CA ASP A 309 -4.66 0.98 10.17
C ASP A 309 -4.58 2.31 10.87
N HIS A 310 -5.72 3.00 10.97
CA HIS A 310 -5.73 4.34 11.53
C HIS A 310 -5.90 4.40 13.05
N ARG A 311 -6.04 3.26 13.71
CA ARG A 311 -6.43 3.28 15.12
C ARG A 311 -5.31 3.52 16.11
N ASN A 312 -4.06 3.55 15.64
CA ASN A 312 -2.88 3.65 16.50
C ASN A 312 -2.94 2.57 17.59
N LEU A 313 -2.99 1.32 17.11
CA LEU A 313 -3.19 0.12 17.92
C LEU A 313 -1.96 -0.78 17.81
N PRO A 314 -1.16 -0.88 18.87
N PRO A 314 -1.03 -0.71 18.77
CA PRO A 314 0.09 -1.67 18.79
CA PRO A 314 0.15 -1.59 18.72
C PRO A 314 -0.16 -3.14 18.64
C PRO A 314 -0.11 -3.13 18.79
N ASP A 315 -1.33 -3.58 19.09
CA ASP A 315 -1.68 -4.99 19.08
C ASP A 315 -1.59 -5.63 17.70
N LEU A 316 -1.72 -4.84 16.63
CA LEU A 316 -1.53 -5.37 15.29
C LEU A 316 -0.18 -6.07 15.15
N VAL A 317 0.84 -5.50 15.80
CA VAL A 317 2.16 -6.09 15.84
C VAL A 317 2.31 -7.09 16.98
N THR A 318 1.94 -6.71 18.19
CA THR A 318 2.31 -7.47 19.38
C THR A 318 1.40 -8.67 19.66
N VAL A 319 0.19 -8.66 19.11
CA VAL A 319 -0.81 -9.72 19.31
C VAL A 319 -1.12 -10.44 17.99
N ASN A 320 -1.37 -9.68 16.92
CA ASN A 320 -1.69 -10.31 15.63
C ASN A 320 -0.44 -10.75 14.88
N HIS A 321 0.74 -10.27 15.31
CA HIS A 321 2.04 -10.66 14.74
C HIS A 321 2.21 -10.19 13.31
N LEU A 322 1.63 -9.03 13.00
CA LEU A 322 1.98 -8.32 11.79
C LEU A 322 3.31 -7.61 12.00
N ASP A 323 3.94 -7.21 10.91
CA ASP A 323 5.30 -6.66 10.98
C ASP A 323 5.37 -5.14 11.16
N GLY A 324 4.33 -4.44 10.75
CA GLY A 324 4.34 -2.99 10.84
C GLY A 324 3.01 -2.42 10.39
N ILE A 325 2.90 -1.10 10.52
CA ILE A 325 1.66 -0.37 10.36
C ILE A 325 1.92 0.91 9.59
N TRP A 326 1.14 1.17 8.53
CA TRP A 326 1.12 2.48 7.89
C TRP A 326 0.43 3.42 8.86
N THR A 327 1.18 4.40 9.36
N THR A 327 1.15 4.37 9.43
CA THR A 327 0.70 5.34 10.37
CA THR A 327 0.51 5.31 10.34
C THR A 327 0.70 6.79 9.86
C THR A 327 0.65 6.69 9.75
N ASP A 328 -0.49 7.36 9.67
CA ASP A 328 -0.63 8.65 9.00
C ASP A 328 -0.33 9.86 9.87
N ASP A 329 -0.24 9.74 11.19
CA ASP A 329 -0.06 10.95 12.00
C ASP A 329 1.16 11.77 11.54
N PHE A 330 2.25 11.08 11.22
CA PHE A 330 3.45 11.75 10.73
C PHE A 330 3.17 12.51 9.44
N HIS A 331 2.58 11.82 8.45
CA HIS A 331 2.19 12.46 7.20
C HIS A 331 1.35 13.71 7.45
N HIS A 332 0.32 13.58 8.29
N HIS A 332 0.33 13.57 8.29
CA HIS A 332 -0.63 14.66 8.52
CA HIS A 332 -0.64 14.65 8.52
C HIS A 332 0.05 15.84 9.19
C HIS A 332 0.03 15.84 9.22
N GLU A 333 0.84 15.56 10.22
CA GLU A 333 1.56 16.62 10.93
C GLU A 333 2.46 17.40 9.96
N THR A 334 3.13 16.67 9.07
CA THR A 334 4.03 17.28 8.09
C THR A 334 3.27 18.15 7.10
N ARG A 335 2.18 17.64 6.56
CA ARG A 335 1.42 18.41 5.58
C ARG A 335 0.87 19.69 6.22
N VAL A 336 0.28 19.57 7.40
CA VAL A 336 -0.27 20.75 8.07
C VAL A 336 0.85 21.76 8.39
N THR A 337 2.02 21.27 8.78
CA THR A 337 3.17 22.16 8.97
C THR A 337 3.40 23.02 7.74
N LEU A 338 3.37 22.40 6.58
CA LEU A 338 3.72 23.08 5.34
C LEU A 338 2.60 23.91 4.72
N THR A 339 1.34 23.58 4.97
CA THR A 339 0.25 24.30 4.31
C THR A 339 -0.64 25.08 5.25
N GLY A 340 -0.73 24.67 6.51
CA GLY A 340 -1.69 25.23 7.45
C GLY A 340 -3.11 24.76 7.24
N GLU A 341 -3.34 23.79 6.36
CA GLU A 341 -4.70 23.40 6.06
C GLU A 341 -5.36 22.70 7.25
N GLN A 342 -6.69 22.82 7.34
CA GLN A 342 -7.42 22.35 8.49
C GLN A 342 -8.75 21.70 8.14
N GLU A 343 -8.96 21.35 6.88
CA GLU A 343 -10.20 20.68 6.51
C GLU A 343 -10.13 19.19 6.82
N GLY A 344 -11.28 18.60 7.09
CA GLY A 344 -11.37 17.18 7.37
C GLY A 344 -10.44 16.74 8.47
N TYR A 345 -9.75 15.63 8.25
CA TYR A 345 -8.89 15.07 9.28
C TYR A 345 -7.67 15.93 9.60
N TYR A 346 -7.34 16.89 8.74
CA TYR A 346 -6.22 17.78 9.00
C TYR A 346 -6.48 18.67 10.23
N ALA A 347 -7.76 18.85 10.59
CA ALA A 347 -8.12 19.58 11.81
C ALA A 347 -7.61 18.90 13.09
N GLY A 348 -7.16 17.65 12.99
CA GLY A 348 -6.57 16.96 14.12
C GLY A 348 -5.15 17.34 14.48
N TYR A 349 -4.54 18.28 13.75
CA TYR A 349 -3.11 18.56 13.88
C TYR A 349 -2.85 20.05 13.86
N ARG A 350 -1.91 20.48 14.70
CA ARG A 350 -1.41 21.86 14.71
C ARG A 350 -0.33 22.07 13.66
N GLY A 351 0.53 21.07 13.48
CA GLY A 351 1.72 21.23 12.68
C GLY A 351 2.75 22.10 13.38
N GLY A 352 3.92 22.22 12.75
CA GLY A 352 5.01 23.03 13.26
C GLY A 352 6.13 22.20 13.84
N ALA A 353 7.25 22.84 14.12
CA ALA A 353 8.45 22.12 14.56
C ALA A 353 8.23 21.37 15.86
N GLU A 354 7.64 22.02 16.87
N GLU A 354 7.65 22.03 16.86
N GLU A 354 7.65 22.03 16.86
CA GLU A 354 7.39 21.37 18.15
CA GLU A 354 7.37 21.40 18.14
CA GLU A 354 7.36 21.42 18.15
C GLU A 354 6.43 20.19 18.00
C GLU A 354 6.45 20.19 17.96
C GLU A 354 6.44 20.21 17.99
N ALA A 355 5.40 20.36 17.17
CA ALA A 355 4.44 19.29 16.93
C ALA A 355 5.06 18.10 16.21
N LEU A 356 5.90 18.38 15.24
N LEU A 356 5.88 18.36 15.21
CA LEU A 356 6.57 17.31 14.50
CA LEU A 356 6.60 17.28 14.50
C LEU A 356 7.59 16.56 15.38
C LEU A 356 7.54 16.54 15.43
N ALA A 357 8.30 17.29 16.23
CA ALA A 357 9.19 16.68 17.20
C ALA A 357 8.43 15.70 18.11
N TYR A 358 7.25 16.08 18.56
CA TYR A 358 6.45 15.23 19.43
C TYR A 358 5.97 13.97 18.71
N THR A 359 5.40 14.15 17.53
CA THR A 359 4.86 13.01 16.80
C THR A 359 5.95 11.99 16.48
N ILE A 360 7.14 12.47 16.10
CA ILE A 360 8.25 11.56 15.85
C ILE A 360 8.69 10.84 17.15
N ARG A 361 8.80 11.61 18.24
N ARG A 361 8.82 11.56 18.26
CA ARG A 361 9.18 11.07 19.55
CA ARG A 361 9.31 10.89 19.47
C ARG A 361 8.26 9.94 20.00
C ARG A 361 8.26 9.93 20.07
N ARG A 362 6.98 10.09 19.72
CA ARG A 362 5.96 9.13 20.14
C ARG A 362 5.60 8.11 19.06
N GLY A 363 6.15 8.26 17.86
CA GLY A 363 5.83 7.37 16.74
C GLY A 363 4.53 7.78 16.03
N TRP A 364 3.46 7.79 16.82
CA TRP A 364 2.22 8.42 16.41
C TRP A 364 1.79 9.39 17.52
N ARG A 365 0.96 10.35 17.16
CA ARG A 365 0.51 11.38 18.11
C ARG A 365 -0.58 10.90 19.05
N TYR A 366 -1.62 10.27 18.48
CA TYR A 366 -2.80 9.92 19.27
C TYR A 366 -2.62 8.58 19.96
N GLU A 367 -2.43 8.66 21.28
CA GLU A 367 -2.20 7.50 22.13
C GLU A 367 -3.31 7.29 23.15
N GLY A 368 -4.49 7.84 22.88
CA GLY A 368 -5.64 7.72 23.75
C GLY A 368 -6.33 9.03 24.08
N GLN A 369 -5.77 10.15 23.65
N GLN A 369 -5.68 10.15 23.79
CA GLN A 369 -6.36 11.48 23.87
CA GLN A 369 -6.30 11.42 24.02
C GLN A 369 -7.56 11.74 22.94
C GLN A 369 -7.40 11.63 22.99
N PHE A 370 -8.35 12.77 23.24
N PHE A 370 -8.26 12.60 23.27
CA PHE A 370 -9.51 13.10 22.45
CA PHE A 370 -9.41 12.91 22.41
C PHE A 370 -9.11 13.55 21.04
C PHE A 370 -9.03 13.45 21.04
N TRP A 371 -9.70 12.91 20.03
CA TRP A 371 -9.66 13.39 18.66
C TRP A 371 -10.86 14.32 18.57
N ALA A 372 -10.61 15.61 18.36
CA ALA A 372 -11.63 16.65 18.51
C ALA A 372 -12.23 17.11 17.18
N VAL A 373 -12.03 16.33 16.12
CA VAL A 373 -12.56 16.68 14.80
C VAL A 373 -14.08 16.55 14.80
N LYS A 374 -14.74 17.58 14.27
CA LYS A 374 -16.21 17.64 14.23
C LYS A 374 -16.85 16.43 13.55
N GLY A 375 -17.85 15.84 14.23
CA GLY A 375 -18.56 14.66 13.74
C GLY A 375 -17.80 13.37 13.98
N GLU A 376 -16.66 13.46 14.64
CA GLU A 376 -15.76 12.33 14.85
C GLU A 376 -15.19 12.28 16.27
N GLU A 377 -15.75 13.08 17.18
CA GLU A 377 -15.16 13.25 18.52
C GLU A 377 -15.12 11.94 19.32
N HIS A 378 -13.92 11.47 19.64
CA HIS A 378 -13.72 10.27 20.47
C HIS A 378 -12.27 10.17 20.94
N GLU A 379 -12.02 9.29 21.91
CA GLU A 379 -10.66 9.02 22.38
C GLU A 379 -9.94 8.08 21.43
N ARG A 380 -8.88 8.58 20.81
CA ARG A 380 -8.23 7.86 19.72
C ARG A 380 -6.85 7.39 20.12
N GLY A 381 -6.59 6.10 19.92
CA GLY A 381 -5.26 5.57 19.99
C GLY A 381 -4.87 4.91 21.29
N HIS A 382 -3.64 4.40 21.29
CA HIS A 382 -3.10 3.59 22.36
C HIS A 382 -1.63 3.91 22.50
N PRO A 383 -1.05 3.63 23.67
CA PRO A 383 0.38 3.86 23.87
C PRO A 383 1.24 3.18 22.80
N SER A 384 2.23 3.90 22.30
CA SER A 384 3.11 3.40 21.25
C SER A 384 4.37 2.70 21.76
N ASP A 385 4.53 2.61 23.09
CA ASP A 385 5.79 2.19 23.69
C ASP A 385 6.35 0.87 23.16
N ALA A 386 5.48 -0.10 22.92
CA ALA A 386 5.92 -1.43 22.49
C ALA A 386 6.53 -1.45 21.11
N LEU A 387 6.18 -0.47 20.28
CA LEU A 387 6.61 -0.48 18.89
C LEU A 387 8.00 0.11 18.72
N GLU A 388 8.78 -0.53 17.87
CA GLU A 388 10.12 -0.10 17.54
C GLU A 388 10.07 0.64 16.21
N ALA A 389 11.13 1.40 15.90
CA ALA A 389 11.12 2.28 14.74
C ALA A 389 10.62 1.63 13.45
N PRO A 390 11.12 0.46 13.05
CA PRO A 390 10.67 -0.09 11.77
C PRO A 390 9.18 -0.44 11.70
N ASN A 391 8.55 -0.65 12.86
CA ASN A 391 7.13 -0.98 12.90
C ASN A 391 6.23 0.15 12.39
N PHE A 392 6.74 1.39 12.36
CA PHE A 392 6.00 2.53 11.84
C PHE A 392 6.40 2.76 10.39
N VAL A 393 5.44 2.72 9.47
CA VAL A 393 5.69 3.10 8.08
C VAL A 393 5.22 4.55 7.93
N TYR A 394 6.16 5.40 7.54
CA TYR A 394 5.97 6.84 7.39
C TYR A 394 6.03 7.23 5.91
N CYS A 395 5.33 8.30 5.54
CA CYS A 395 5.47 8.90 4.22
C CYS A 395 5.04 10.35 4.27
N ILE A 396 5.40 11.07 3.22
CA ILE A 396 4.85 12.42 2.96
C ILE A 396 3.92 12.44 1.76
N GLN A 397 3.87 11.33 1.01
CA GLN A 397 2.94 11.13 -0.12
C GLN A 397 2.61 9.65 -0.24
N ASN A 398 1.36 9.36 -0.58
CA ASN A 398 0.95 8.02 -1.00
C ASN A 398 -0.32 8.17 -1.84
N HIS A 399 -0.87 7.07 -2.32
CA HIS A 399 -2.02 7.16 -3.24
C HIS A 399 -3.18 7.93 -2.64
N ASP A 400 -3.43 7.72 -1.35
CA ASP A 400 -4.57 8.34 -0.69
C ASP A 400 -4.32 9.82 -0.45
N GLN A 401 -3.13 10.15 0.02
CA GLN A 401 -2.84 11.52 0.44
C GLN A 401 -2.61 12.47 -0.72
N ILE A 402 -2.45 11.91 -1.92
CA ILE A 402 -2.55 12.67 -3.16
C ILE A 402 -3.96 12.55 -3.74
N GLY A 403 -4.40 11.32 -3.98
CA GLY A 403 -5.59 11.08 -4.78
C GLY A 403 -6.93 11.38 -4.17
N ASN A 404 -6.99 11.47 -2.84
N ASN A 404 -7.00 11.45 -2.84
CA ASN A 404 -8.24 11.84 -2.16
CA ASN A 404 -8.25 11.82 -2.16
C ASN A 404 -8.41 13.34 -1.99
C ASN A 404 -8.47 13.33 -2.12
N ARG A 405 -7.45 14.11 -2.50
CA ARG A 405 -7.61 15.55 -2.61
C ARG A 405 -8.48 15.84 -3.84
N PRO A 406 -9.32 16.88 -3.79
CA PRO A 406 -10.24 17.19 -4.88
C PRO A 406 -9.59 17.16 -6.28
N LEU A 407 -8.42 17.77 -6.41
CA LEU A 407 -7.72 17.85 -7.70
C LEU A 407 -6.51 16.91 -7.78
N GLY A 408 -6.33 16.05 -6.78
CA GLY A 408 -5.25 15.06 -6.81
C GLY A 408 -3.85 15.64 -6.90
N GLU A 409 -3.63 16.81 -6.31
CA GLU A 409 -2.34 17.43 -6.44
C GLU A 409 -1.34 16.91 -5.39
N ARG A 410 -0.09 16.92 -5.80
CA ARG A 410 1.03 16.47 -4.97
C ARG A 410 1.43 17.56 -4.00
N LEU A 411 2.26 17.21 -3.03
CA LEU A 411 2.59 18.11 -1.93
C LEU A 411 3.20 19.43 -2.41
N HIS A 412 4.15 19.36 -3.34
CA HIS A 412 4.77 20.58 -3.89
C HIS A 412 3.85 21.40 -4.78
N GLN A 413 2.68 20.86 -5.10
N GLN A 413 2.66 20.88 -5.08
CA GLN A 413 1.68 21.53 -5.92
CA GLN A 413 1.70 21.58 -5.91
C GLN A 413 0.61 22.24 -5.08
C GLN A 413 0.51 22.13 -5.12
N SER A 414 0.53 21.96 -3.79
CA SER A 414 -0.44 22.62 -2.93
C SER A 414 -0.01 24.05 -2.69
N ASP A 415 -0.99 24.95 -2.56
N ASP A 415 -1.00 24.94 -2.59
CA ASP A 415 -0.70 26.36 -2.29
CA ASP A 415 -0.74 26.37 -2.50
C ASP A 415 0.18 26.52 -1.05
C ASP A 415 0.04 26.69 -1.23
N GLY A 416 1.19 27.37 -1.16
N GLY A 416 1.20 27.34 -1.39
CA GLY A 416 2.00 27.73 -0.03
CA GLY A 416 1.99 27.75 -0.25
C GLY A 416 3.17 26.81 0.23
C GLY A 416 3.27 26.97 -0.01
N VAL A 417 3.38 25.79 -0.62
CA VAL A 417 4.51 24.89 -0.44
C VAL A 417 5.60 25.18 -1.48
N THR A 418 6.82 25.44 -1.02
CA THR A 418 7.93 25.64 -1.95
C THR A 418 8.65 24.34 -2.25
N LEU A 419 9.44 24.32 -3.32
CA LEU A 419 10.25 23.16 -3.60
C LEU A 419 11.33 22.98 -2.54
N HIS A 420 11.75 24.07 -1.91
CA HIS A 420 12.71 23.95 -0.82
C HIS A 420 12.10 23.21 0.38
N GLU A 421 10.87 23.53 0.73
CA GLU A 421 10.15 22.81 1.79
C GLU A 421 9.96 21.33 1.41
N TYR A 422 9.62 21.08 0.15
CA TYR A 422 9.44 19.72 -0.34
C TYR A 422 10.72 18.91 -0.17
N ARG A 423 11.84 19.53 -0.52
CA ARG A 423 13.14 18.87 -0.39
C ARG A 423 13.55 18.65 1.07
N GLY A 424 13.26 19.62 1.93
CA GLY A 424 13.49 19.44 3.36
C GLY A 424 12.71 18.27 3.93
N ALA A 425 11.46 18.14 3.51
CA ALA A 425 10.59 17.06 3.99
C ALA A 425 11.15 15.70 3.60
N ALA A 426 11.72 15.61 2.40
CA ALA A 426 12.37 14.38 1.95
C ALA A 426 13.53 14.02 2.85
N ALA A 427 14.32 15.01 3.24
CA ALA A 427 15.46 14.76 4.12
C ALA A 427 15.01 14.25 5.49
N LEU A 428 13.94 14.82 6.04
CA LEU A 428 13.39 14.30 7.29
C LEU A 428 12.97 12.85 7.13
N LEU A 429 12.10 12.59 6.17
CA LEU A 429 11.59 11.24 5.98
C LEU A 429 12.70 10.20 5.82
N LEU A 430 13.66 10.51 4.95
CA LEU A 430 14.64 9.51 4.55
C LEU A 430 15.83 9.36 5.49
N THR A 431 15.92 10.21 6.52
CA THR A 431 16.92 10.00 7.56
C THR A 431 16.37 9.44 8.87
N LEU A 432 15.06 9.32 9.01
CA LEU A 432 14.46 8.75 10.20
C LEU A 432 14.59 7.23 10.18
N PRO A 433 14.65 6.60 11.35
CA PRO A 433 14.77 5.14 11.42
C PRO A 433 13.46 4.39 11.18
N MSE A 434 12.34 5.11 11.13
CA MSE A 434 11.07 4.54 10.72
C MSE A 434 11.16 4.09 9.26
O MSE A 434 12.06 4.50 8.53
CB MSE A 434 9.94 5.55 10.94
CG MSE A 434 9.55 5.77 12.38
SE MSE A 434 10.88 6.70 13.48
CE MSE A 434 9.68 7.20 14.93
N THR A 435 10.24 3.24 8.86
CA THR A 435 10.29 2.65 7.53
C THR A 435 9.61 3.59 6.53
N PRO A 436 10.36 4.16 5.57
CA PRO A 436 9.76 5.13 4.69
C PRO A 436 9.14 4.56 3.43
N LEU A 437 8.14 5.28 2.91
CA LEU A 437 7.53 5.01 1.63
C LEU A 437 7.49 6.28 0.80
N LEU A 438 7.78 6.12 -0.49
CA LEU A 438 7.70 7.16 -1.50
C LEU A 438 6.61 6.79 -2.50
N PHE A 439 5.90 7.77 -3.06
CA PHE A 439 4.93 7.53 -4.13
C PHE A 439 5.61 7.74 -5.47
N GLN A 440 5.26 6.93 -6.46
CA GLN A 440 5.84 7.05 -7.79
C GLN A 440 5.89 8.50 -8.28
N GLY A 441 7.07 8.92 -8.72
CA GLY A 441 7.27 10.28 -9.23
C GLY A 441 7.60 11.34 -8.20
N GLN A 442 7.40 11.02 -6.93
N GLN A 442 7.41 11.06 -6.92
CA GLN A 442 7.71 11.94 -5.85
CA GLN A 442 7.69 12.10 -5.93
C GLN A 442 9.15 12.43 -5.92
C GLN A 442 9.18 12.44 -5.86
N GLU A 443 10.04 11.51 -6.27
CA GLU A 443 11.47 11.74 -6.25
C GLU A 443 11.96 12.76 -7.26
N TRP A 444 11.16 13.07 -8.28
CA TRP A 444 11.53 14.12 -9.22
C TRP A 444 10.56 15.30 -9.20
N ALA A 445 9.78 15.41 -8.12
CA ALA A 445 8.76 16.47 -8.01
C ALA A 445 7.89 16.46 -9.25
N ALA A 446 7.29 15.31 -9.52
CA ALA A 446 6.50 15.13 -10.73
C ALA A 446 5.44 16.21 -10.91
N SER A 447 5.23 16.59 -12.17
CA SER A 447 4.30 17.66 -12.53
C SER A 447 2.85 17.20 -12.62
N THR A 448 2.64 15.90 -12.64
CA THR A 448 1.33 15.33 -12.88
C THR A 448 0.64 15.02 -11.55
N PRO A 449 -0.67 15.20 -11.52
CA PRO A 449 -1.45 14.83 -10.35
C PRO A 449 -1.60 13.31 -10.28
N PHE A 450 -2.15 12.81 -9.19
CA PHE A 450 -2.62 11.43 -9.15
C PHE A 450 -4.07 11.52 -8.71
N GLN A 451 -4.97 11.45 -9.67
CA GLN A 451 -6.39 11.66 -9.43
C GLN A 451 -7.12 10.35 -9.29
N PHE A 452 -8.29 10.39 -8.68
CA PHE A 452 -9.14 9.21 -8.61
C PHE A 452 -9.82 9.00 -9.96
N PHE A 453 -9.61 7.81 -10.52
CA PHE A 453 -10.23 7.42 -11.78
C PHE A 453 -10.85 6.03 -11.64
N SER A 454 -11.89 5.81 -12.42
CA SER A 454 -12.64 4.57 -12.45
C SER A 454 -13.24 4.41 -13.85
N ASP A 455 -13.84 3.25 -14.12
CA ASP A 455 -14.43 3.01 -15.43
C ASP A 455 -15.55 1.98 -15.29
N HIS A 456 -16.50 2.28 -14.41
CA HIS A 456 -17.64 1.40 -14.21
C HIS A 456 -18.71 1.63 -15.24
N ALA A 457 -19.52 0.59 -15.46
CA ALA A 457 -20.60 0.63 -16.45
C ALA A 457 -21.88 1.18 -15.83
N GLY A 458 -22.74 1.71 -16.70
CA GLY A 458 -24.13 2.01 -16.33
C GLY A 458 -24.31 2.94 -15.14
N GLU A 459 -25.32 2.66 -14.32
CA GLU A 459 -25.69 3.53 -13.21
C GLU A 459 -24.58 3.57 -12.15
N LEU A 460 -23.89 2.45 -11.97
CA LEU A 460 -22.76 2.40 -11.04
C LEU A 460 -21.71 3.43 -11.42
N GLY A 461 -21.38 3.48 -12.71
CA GLY A 461 -20.43 4.46 -13.23
C GLY A 461 -20.92 5.88 -13.01
N GLN A 462 -22.20 6.12 -13.27
CA GLN A 462 -22.79 7.44 -13.09
C GLN A 462 -22.77 7.88 -11.63
N ALA A 463 -22.75 6.92 -10.70
CA ALA A 463 -22.77 7.21 -9.27
C ALA A 463 -21.42 7.54 -8.63
N VAL A 464 -20.30 7.24 -9.32
CA VAL A 464 -18.97 7.34 -8.68
C VAL A 464 -18.65 8.75 -8.18
N SER A 465 -18.89 9.75 -9.02
N SER A 465 -18.89 9.73 -9.04
CA SER A 465 -18.56 11.13 -8.67
CA SER A 465 -18.63 11.15 -8.73
C SER A 465 -19.29 11.61 -7.43
C SER A 465 -19.29 11.59 -7.43
N GLU A 466 -20.58 11.31 -7.30
CA GLU A 466 -21.33 11.70 -6.11
C GLU A 466 -20.91 10.91 -4.87
N GLY A 467 -20.50 9.66 -5.06
CA GLY A 467 -19.98 8.86 -3.95
C GLY A 467 -18.72 9.47 -3.37
N ARG A 468 -17.83 9.91 -4.26
CA ARG A 468 -16.60 10.60 -3.88
C ARG A 468 -16.89 11.89 -3.10
N LYS A 469 -17.82 12.69 -3.61
CA LYS A 469 -18.20 13.95 -2.97
C LYS A 469 -18.79 13.75 -1.58
N LYS A 470 -19.54 12.67 -1.40
CA LYS A 470 -20.09 12.32 -0.09
C LYS A 470 -19.03 11.76 0.85
N GLU A 471 -18.19 10.84 0.36
CA GLU A 471 -17.15 10.23 1.18
C GLU A 471 -16.18 11.30 1.71
N PHE A 472 -15.85 12.28 0.88
CA PHE A 472 -14.90 13.33 1.25
C PHE A 472 -15.56 14.71 1.38
N GLY A 473 -16.81 14.72 1.84
CA GLY A 473 -17.60 15.95 1.96
C GLY A 473 -17.05 16.97 2.94
N GLY A 474 -16.19 16.52 3.85
CA GLY A 474 -15.51 17.42 4.78
C GLY A 474 -14.48 18.28 4.08
N PHE A 475 -14.20 17.98 2.81
CA PHE A 475 -13.26 18.76 2.03
C PHE A 475 -14.01 19.61 0.99
N SER A 476 -14.08 20.91 1.25
CA SER A 476 -14.94 21.80 0.48
C SER A 476 -14.63 21.80 -1.02
N GLY A 477 -13.40 21.45 -1.39
CA GLY A 477 -13.01 21.43 -2.79
C GLY A 477 -13.82 20.47 -3.65
N PHE A 478 -14.42 19.46 -3.02
CA PHE A 478 -15.25 18.50 -3.74
C PHE A 478 -16.58 19.10 -4.23
N SER A 479 -16.99 20.24 -3.68
CA SER A 479 -18.21 20.91 -4.12
C SER A 479 -17.89 22.03 -5.12
N GLY A 480 -16.63 22.08 -5.57
CA GLY A 480 -16.22 23.04 -6.60
C GLY A 480 -16.64 22.59 -7.99
N GLU A 481 -16.23 23.33 -9.01
CA GLU A 481 -16.62 23.01 -10.38
C GLU A 481 -15.52 22.33 -11.21
N ASP A 482 -14.29 22.29 -10.69
CA ASP A 482 -13.14 21.75 -11.41
C ASP A 482 -12.69 20.36 -10.94
N VAL A 483 -13.54 19.65 -10.20
CA VAL A 483 -13.19 18.29 -9.76
C VAL A 483 -13.17 17.39 -10.99
N PRO A 484 -12.06 16.69 -11.23
CA PRO A 484 -11.96 15.83 -12.40
C PRO A 484 -12.95 14.68 -12.32
N ASP A 485 -13.65 14.45 -13.42
CA ASP A 485 -14.62 13.36 -13.50
C ASP A 485 -13.87 12.03 -13.40
N PRO A 486 -14.13 11.23 -12.37
CA PRO A 486 -13.37 9.99 -12.21
C PRO A 486 -13.56 9.04 -13.39
N GLN A 487 -14.70 9.10 -14.06
CA GLN A 487 -15.02 8.20 -15.15
C GLN A 487 -14.41 8.61 -16.49
N ALA A 488 -13.85 9.81 -16.57
CA ALA A 488 -13.33 10.32 -17.84
C ALA A 488 -11.95 9.75 -18.12
N GLU A 489 -11.72 9.37 -19.37
CA GLU A 489 -10.39 8.91 -19.81
C GLU A 489 -9.32 9.91 -19.45
N GLN A 490 -9.62 11.20 -19.60
CA GLN A 490 -8.63 12.24 -19.36
C GLN A 490 -8.12 12.22 -17.92
N THR A 491 -8.96 11.85 -16.97
CA THR A 491 -8.54 11.81 -15.58
C THR A 491 -7.46 10.76 -15.35
N PHE A 492 -7.62 9.61 -16.01
CA PHE A 492 -6.62 8.55 -16.00
C PHE A 492 -5.33 9.01 -16.70
N LEU A 493 -5.46 9.57 -17.90
CA LEU A 493 -4.29 10.00 -18.64
C LEU A 493 -3.53 11.13 -17.93
N ASN A 494 -4.24 12.04 -17.29
N ASN A 494 -4.28 12.05 -17.30
CA ASN A 494 -3.57 13.13 -16.59
CA ASN A 494 -3.73 13.12 -16.44
C ASN A 494 -2.77 12.66 -15.38
C ASN A 494 -2.72 12.60 -15.45
N SER A 495 -3.01 11.42 -14.93
CA SER A 495 -2.28 10.84 -13.81
C SER A 495 -1.07 10.01 -14.23
N LYS A 496 -0.88 9.81 -15.53
CA LYS A 496 0.28 9.12 -16.06
C LYS A 496 1.57 9.86 -15.74
N LEU A 497 2.59 9.14 -15.31
CA LEU A 497 3.90 9.73 -15.12
C LEU A 497 4.49 10.17 -16.45
N ASN A 498 5.14 11.34 -16.44
CA ASN A 498 5.89 11.85 -17.58
C ASN A 498 7.36 11.57 -17.30
N TRP A 499 7.90 10.52 -17.90
N TRP A 499 7.89 10.56 -17.99
CA TRP A 499 9.29 10.15 -17.60
CA TRP A 499 9.26 10.07 -17.79
C TRP A 499 10.30 11.17 -18.12
C TRP A 499 10.36 10.93 -18.38
N ALA A 500 9.98 11.88 -19.22
CA ALA A 500 10.93 12.81 -19.83
C ALA A 500 11.33 13.91 -18.87
N GLU A 501 10.39 14.36 -18.06
CA GLU A 501 10.59 15.60 -17.33
C GLU A 501 11.66 15.49 -16.25
N ARG A 502 11.95 14.29 -15.77
CA ARG A 502 12.93 14.12 -14.68
C ARG A 502 14.35 14.47 -15.11
N GLU A 503 14.59 14.55 -16.42
CA GLU A 503 15.94 14.78 -16.93
C GLU A 503 16.39 16.24 -16.85
N GLY A 504 15.48 17.15 -16.53
CA GLY A 504 15.80 18.56 -16.58
C GLY A 504 15.36 19.39 -15.39
N GLY A 505 16.00 20.53 -15.26
CA GLY A 505 15.57 21.58 -14.36
C GLY A 505 15.45 21.15 -12.92
N GLU A 506 14.40 21.63 -12.27
CA GLU A 506 14.17 21.33 -10.87
C GLU A 506 13.71 19.90 -10.62
N HIS A 507 13.13 19.26 -11.62
CA HIS A 507 12.83 17.83 -11.50
C HIS A 507 14.13 17.05 -11.29
N ALA A 508 15.13 17.35 -12.13
CA ALA A 508 16.45 16.72 -12.03
C ALA A 508 17.15 17.05 -10.71
N ARG A 509 17.03 18.30 -10.27
N ARG A 509 17.03 18.29 -10.24
CA ARG A 509 17.61 18.74 -8.99
CA ARG A 509 17.68 18.67 -8.99
C ARG A 509 17.03 17.93 -7.84
C ARG A 509 17.03 17.96 -7.80
N THR A 510 15.71 17.78 -7.83
CA THR A 510 15.02 17.03 -6.79
C THR A 510 15.46 15.56 -6.82
N LEU A 511 15.55 14.99 -8.02
CA LEU A 511 15.98 13.61 -8.19
C LEU A 511 17.40 13.39 -7.64
N ARG A 512 18.31 14.33 -7.91
N ARG A 512 18.30 14.34 -7.90
CA ARG A 512 19.68 14.24 -7.38
CA ARG A 512 19.65 14.23 -7.35
C ARG A 512 19.66 14.21 -5.86
C ARG A 512 19.62 14.18 -5.84
N LEU A 513 18.80 15.02 -5.24
CA LEU A 513 18.69 15.00 -3.77
C LEU A 513 18.17 13.66 -3.28
N TYR A 514 17.12 13.14 -3.90
CA TYR A 514 16.61 11.82 -3.50
C TYR A 514 17.68 10.73 -3.63
N ARG A 515 18.43 10.76 -4.73
CA ARG A 515 19.54 9.79 -4.86
C ARG A 515 20.55 9.94 -3.73
N ASP A 516 20.90 11.19 -3.41
CA ASP A 516 21.88 11.44 -2.36
C ASP A 516 21.37 10.98 -0.99
N LEU A 517 20.10 11.27 -0.70
CA LEU A 517 19.48 10.84 0.56
C LEU A 517 19.41 9.33 0.69
N LEU A 518 19.03 8.66 -0.39
CA LEU A 518 18.90 7.20 -0.36
C LEU A 518 20.27 6.52 -0.25
N ARG A 519 21.31 7.13 -0.83
N ARG A 519 21.29 7.10 -0.86
CA ARG A 519 22.68 6.65 -0.65
CA ARG A 519 22.65 6.59 -0.72
C ARG A 519 23.11 6.78 0.81
C ARG A 519 23.14 6.81 0.71
N LEU A 520 22.91 7.97 1.38
N LEU A 520 22.79 7.97 1.26
CA LEU A 520 23.27 8.17 2.77
CA LEU A 520 23.18 8.29 2.64
C LEU A 520 22.53 7.20 3.67
C LEU A 520 22.52 7.34 3.65
N ARG A 521 21.24 7.03 3.44
CA ARG A 521 20.49 6.10 4.27
C ARG A 521 21.13 4.72 4.20
N ARG A 522 21.55 4.29 3.02
CA ARG A 522 22.17 2.97 2.83
C ARG A 522 23.56 2.88 3.49
N GLU A 523 24.34 3.96 3.38
CA GLU A 523 25.77 3.91 3.69
C GLU A 523 26.16 4.45 5.07
N ASP A 524 25.39 5.40 5.60
CA ASP A 524 25.83 6.10 6.79
C ASP A 524 25.74 5.21 8.03
N PRO A 525 26.85 5.02 8.75
CA PRO A 525 26.86 4.06 9.86
C PRO A 525 26.02 4.43 11.06
N VAL A 526 25.71 5.72 11.24
CA VAL A 526 24.87 6.15 12.35
C VAL A 526 23.38 6.08 11.95
N LEU A 527 23.05 6.49 10.72
CA LEU A 527 21.66 6.40 10.26
C LEU A 527 21.19 4.96 10.11
N HIS A 528 22.11 3.99 10.17
CA HIS A 528 21.75 2.58 10.26
C HIS A 528 20.94 2.26 11.52
N ASN A 529 20.96 3.14 12.51
CA ASN A 529 20.13 2.99 13.71
C ASN A 529 18.69 2.63 13.36
N ARG A 530 18.14 1.66 14.10
CA ARG A 530 16.71 1.33 13.99
C ARG A 530 16.06 1.22 15.37
N GLN A 531 16.61 1.93 16.35
CA GLN A 531 16.11 1.94 17.73
C GLN A 531 15.64 3.31 18.16
N ARG A 532 14.40 3.37 18.64
CA ARG A 532 13.86 4.60 19.17
C ARG A 532 14.62 5.07 20.42
N GLU A 533 15.24 4.14 21.15
CA GLU A 533 16.10 4.49 22.29
C GLU A 533 17.21 5.47 21.89
N ASN A 534 17.67 5.40 20.65
CA ASN A 534 18.79 6.21 20.18
C ASN A 534 18.38 7.49 19.45
N LEU A 535 17.07 7.74 19.37
CA LEU A 535 16.51 8.84 18.61
C LEU A 535 15.88 9.84 19.55
N THR A 536 16.27 11.11 19.45
CA THR A 536 15.62 12.17 20.19
C THR A 536 15.27 13.31 19.25
N THR A 537 14.31 14.13 19.67
CA THR A 537 13.85 15.24 18.83
C THR A 537 13.60 16.47 19.69
N GLY A 538 13.56 17.62 19.05
CA GLY A 538 13.19 18.85 19.73
C GLY A 538 13.03 19.98 18.74
N HIS A 539 12.92 21.19 19.27
CA HIS A 539 12.73 22.34 18.41
C HIS A 539 13.32 23.59 19.07
N ASP A 540 13.59 24.58 18.24
CA ASP A 540 13.89 25.94 18.69
C ASP A 540 13.13 26.83 17.73
N GLY A 541 12.06 27.45 18.20
CA GLY A 541 11.20 28.22 17.31
C GLY A 541 10.66 27.34 16.21
N ASP A 542 10.88 27.73 14.97
CA ASP A 542 10.42 26.95 13.81
C ASP A 542 11.49 26.01 13.27
N VAL A 543 12.57 25.80 14.00
CA VAL A 543 13.58 24.84 13.59
C VAL A 543 13.37 23.52 14.34
N LEU A 544 13.16 22.45 13.58
CA LEU A 544 13.09 21.08 14.10
C LEU A 544 14.47 20.46 14.13
N TRP A 545 14.79 19.74 15.20
CA TRP A 545 15.98 18.90 15.22
C TRP A 545 15.64 17.45 15.55
N VAL A 546 16.39 16.55 14.92
CA VAL A 546 16.27 15.11 15.12
C VAL A 546 17.67 14.57 15.28
N ARG A 547 17.94 13.98 16.44
CA ARG A 547 19.28 13.52 16.80
C ARG A 547 19.32 12.00 16.92
N THR A 548 20.36 11.40 16.35
CA THR A 548 20.63 9.98 16.47
C THR A 548 22.00 9.84 17.11
N VAL A 549 22.09 9.05 18.18
CA VAL A 549 23.37 8.74 18.82
C VAL A 549 23.48 7.23 18.99
N THR A 550 24.53 6.65 18.39
CA THR A 550 24.83 5.23 18.58
C THR A 550 26.32 5.08 18.87
N GLY A 551 26.77 3.85 19.03
CA GLY A 551 28.20 3.59 19.19
C GLY A 551 29.02 4.05 18.01
N ALA A 552 28.39 4.26 16.85
CA ALA A 552 29.09 4.67 15.64
C ALA A 552 29.27 6.18 15.52
N GLY A 553 28.59 6.94 16.37
CA GLY A 553 28.67 8.40 16.32
C GLY A 553 27.33 9.08 16.48
N GLU A 554 27.25 10.30 15.98
N GLU A 554 27.24 10.31 16.00
CA GLU A 554 26.08 11.16 16.18
CA GLU A 554 26.04 11.12 16.19
C GLU A 554 25.69 11.83 14.87
C GLU A 554 25.68 11.88 14.92
N ARG A 555 24.38 11.96 14.64
CA ARG A 555 23.87 12.75 13.51
C ARG A 555 22.76 13.65 14.02
N VAL A 556 22.66 14.83 13.43
CA VAL A 556 21.53 15.70 13.69
C VAL A 556 21.00 16.21 12.36
N LEU A 557 19.70 16.11 12.18
N LEU A 557 19.72 15.93 12.13
CA LEU A 557 19.01 16.78 11.09
CA LEU A 557 18.93 16.48 11.03
C LEU A 557 18.37 18.04 11.66
C LEU A 557 18.17 17.68 11.56
N LEU A 558 18.62 19.19 11.02
N LEU A 558 18.53 18.85 11.03
CA LEU A 558 17.92 20.41 11.38
CA LEU A 558 17.87 20.12 11.33
C LEU A 558 17.12 20.84 10.17
C LEU A 558 17.03 20.57 10.13
N TRP A 559 15.83 21.12 10.38
CA TRP A 559 14.93 21.56 9.30
C TRP A 559 14.33 22.89 9.72
N ASN A 560 14.60 23.93 8.93
CA ASN A 560 14.04 25.25 9.19
C ASN A 560 12.68 25.38 8.54
N LEU A 561 11.64 25.27 9.35
N LEU A 561 11.61 25.23 9.33
CA LEU A 561 10.26 25.35 8.90
CA LEU A 561 10.24 25.36 8.82
C LEU A 561 9.72 26.78 8.89
C LEU A 561 9.80 26.82 8.63
N GLY A 562 10.58 27.76 9.16
CA GLY A 562 10.24 29.19 9.06
C GLY A 562 10.41 29.75 7.67
N GLN A 563 10.03 31.02 7.48
N GLN A 563 10.05 31.02 7.51
CA GLN A 563 10.19 31.70 6.20
CA GLN A 563 10.17 31.74 6.23
C GLN A 563 11.36 32.68 6.23
C GLN A 563 11.40 32.63 6.20
N ASP A 564 12.18 32.60 7.29
CA ASP A 564 13.41 33.38 7.42
C ASP A 564 14.65 32.49 7.31
N THR A 565 15.84 33.06 7.48
CA THR A 565 17.10 32.31 7.46
C THR A 565 17.61 32.08 8.87
N ARG A 566 18.08 30.86 9.16
CA ARG A 566 18.56 30.49 10.48
C ARG A 566 19.95 29.84 10.36
N ALA A 567 20.93 30.43 11.04
CA ALA A 567 22.27 29.83 11.14
C ALA A 567 22.22 28.68 12.13
N VAL A 568 22.84 27.56 11.78
CA VAL A 568 22.85 26.41 12.67
C VAL A 568 23.48 26.75 14.02
N ALA A 569 24.52 27.58 14.01
CA ALA A 569 25.25 27.97 15.22
C ALA A 569 24.37 28.66 16.26
N GLU A 570 23.29 29.29 15.80
CA GLU A 570 22.40 30.05 16.68
C GLU A 570 21.14 29.27 17.08
N VAL A 571 21.04 28.02 16.65
CA VAL A 571 19.95 27.14 17.12
C VAL A 571 20.28 26.69 18.52
N LYS A 572 19.35 26.91 19.44
CA LYS A 572 19.54 26.51 20.83
C LYS A 572 19.21 25.04 20.97
N LEU A 573 20.21 24.25 21.38
CA LEU A 573 20.08 22.81 21.53
C LEU A 573 20.54 22.40 22.91
N PRO A 574 19.98 21.32 23.47
CA PRO A 574 20.41 20.81 24.77
C PRO A 574 21.65 19.90 24.71
N PHE A 575 22.39 19.99 23.61
CA PHE A 575 23.64 19.26 23.41
C PHE A 575 24.51 20.09 22.47
N THR A 576 25.77 19.71 22.32
CA THR A 576 26.67 20.40 21.40
C THR A 576 26.41 19.90 19.96
N VAL A 577 26.12 20.82 19.04
CA VAL A 577 25.81 20.43 17.66
C VAL A 577 27.08 19.88 16.99
N PRO A 578 26.97 18.76 16.27
CA PRO A 578 28.08 18.27 15.45
C PRO A 578 28.48 19.28 14.38
N ARG A 579 29.73 19.19 13.92
CA ARG A 579 30.35 20.24 13.12
C ARG A 579 30.44 19.97 11.61
N ARG A 580 30.42 18.68 11.25
N ARG A 580 30.39 18.73 11.15
CA ARG A 580 30.63 18.22 9.90
CA ARG A 580 30.68 18.43 9.72
C ARG A 580 29.32 18.19 9.15
C ARG A 580 29.42 18.38 8.84
N LEU A 581 29.31 18.89 8.01
N LEU A 581 29.28 19.27 7.84
CA LEU A 581 28.15 19.00 7.12
CA LEU A 581 28.17 19.13 6.90
C LEU A 581 28.16 17.83 6.13
C LEU A 581 28.25 17.75 6.21
N LEU A 582 27.19 16.94 6.29
CA LEU A 582 27.09 15.72 5.50
C LEU A 582 26.19 15.89 4.28
N LEU A 583 25.08 16.61 4.44
N LEU A 583 25.08 16.61 4.45
CA LEU A 583 24.19 16.90 3.32
CA LEU A 583 24.18 16.90 3.32
C LEU A 583 23.35 18.12 3.63
C LEU A 583 23.34 18.13 3.63
N HIS A 584 23.28 19.04 2.67
CA HIS A 584 22.42 20.23 2.74
C HIS A 584 21.39 20.10 1.63
N THR A 585 20.11 20.29 1.91
CA THR A 585 19.10 20.06 0.86
C THR A 585 19.17 21.01 -0.34
N GLU A 586 19.83 22.16 -0.17
CA GLU A 586 20.07 23.05 -1.31
C GLU A 586 21.55 23.14 -1.67
N GLY A 587 22.35 22.18 -1.19
CA GLY A 587 23.74 22.04 -1.60
C GLY A 587 24.64 23.18 -1.17
N ARG A 588 24.26 23.89 -0.12
CA ARG A 588 25.06 25.00 0.39
C ARG A 588 26.31 24.49 1.09
N GLU A 589 27.35 25.33 1.09
CA GLU A 589 28.62 25.00 1.72
C GLU A 589 28.62 25.29 3.22
N ASP A 590 27.86 26.29 3.63
CA ASP A 590 27.87 26.74 5.02
C ASP A 590 26.66 26.22 5.78
N LEU A 591 26.81 26.19 7.10
CA LEU A 591 25.77 25.67 7.99
C LEU A 591 24.73 26.74 8.26
N THR A 592 23.97 27.05 7.23
N THR A 592 23.97 27.03 7.21
CA THR A 592 22.91 28.04 7.34
CA THR A 592 22.96 28.08 7.20
C THR A 592 21.73 27.53 6.54
C THR A 592 21.72 27.51 6.52
N LEU A 593 20.55 27.75 7.10
CA LEU A 593 19.30 27.22 6.56
C LEU A 593 18.41 28.34 6.12
N GLY A 594 18.29 28.49 4.80
CA GLY A 594 17.27 29.33 4.24
C GLY A 594 15.89 28.75 4.57
N ALA A 595 14.86 29.53 4.31
CA ALA A 595 13.49 29.14 4.56
C ALA A 595 13.18 27.76 3.98
N GLY A 596 12.74 26.83 4.83
CA GLY A 596 12.33 25.50 4.38
C GLY A 596 13.43 24.47 4.20
N GLU A 597 14.69 24.88 4.40
CA GLU A 597 15.85 24.04 4.10
C GLU A 597 16.27 23.18 5.28
N ALA A 598 16.94 22.08 4.97
CA ALA A 598 17.43 21.18 5.99
C ALA A 598 18.89 20.82 5.79
N VAL A 599 19.54 20.41 6.87
CA VAL A 599 20.91 19.94 6.83
C VAL A 599 21.09 18.75 7.77
N LEU A 600 21.92 17.82 7.34
CA LEU A 600 22.35 16.72 8.20
C LEU A 600 23.81 16.95 8.56
N VAL A 601 24.09 16.98 9.85
CA VAL A 601 25.46 17.14 10.36
C VAL A 601 25.90 15.95 11.21
N GLY A 602 27.20 15.77 11.34
CA GLY A 602 27.74 14.65 12.09
C GLY A 602 29.13 14.91 12.60
C1 GLC B . -6.75 9.49 6.89
C1 GLC B . -6.60 9.55 7.19
C2 GLC B . -7.36 8.09 6.82
C2 GLC B . -7.28 8.19 6.98
C3 GLC B . -8.71 8.11 7.52
C3 GLC B . -8.55 8.09 7.84
C4 GLC B . -8.54 8.59 8.95
C4 GLC B . -8.30 8.58 9.26
C5 GLC B . -7.80 9.92 8.96
C5 GLC B . -7.46 9.86 9.34
C6 GLC B . -7.49 10.42 10.38
C6 GLC B . -7.11 10.18 10.83
O1 GLC B . -5.48 9.54 6.27
O1 GLC B . -5.41 9.64 6.41
O2 GLC B . -7.55 7.71 5.46
O2 GLC B . -7.63 8.04 5.60
O3 GLC B . -9.27 6.80 7.50
O3 GLC B . -8.98 6.72 7.89
O4 GLC B . -9.83 8.78 9.57
O4 GLC B . -9.57 8.85 9.87
O5 GLC B . -6.55 9.84 8.27
O5 GLC B . -6.26 9.67 8.57
O6 GLC B . -6.84 9.40 11.17
O6 GLC B . -5.96 11.03 10.91
C1 GLC B . -10.20 7.73 10.50
C1 GLC B . -9.97 7.71 10.64
C2 GLC B . -11.71 7.50 10.34
C2 GLC B . -11.41 7.27 10.31
C3 GLC B . -12.50 8.65 10.96
C3 GLC B . -12.45 8.22 10.92
C4 GLC B . -12.04 8.85 12.41
C4 GLC B . -12.09 8.63 12.36
C5 GLC B . -10.56 9.19 12.41
C5 GLC B . -10.63 9.10 12.41
C6 GLC B . -10.00 9.40 13.81
C6 GLC B . -10.17 9.50 13.80
O2 GLC B . -12.03 7.39 8.95
O2 GLC B . -11.58 7.20 8.90
O3 GLC B . -13.91 8.39 10.90
O3 GLC B . -13.73 7.56 10.94
O4 GLC B . -12.78 9.91 13.02
O4 GLC B . -12.96 9.66 12.79
O5 GLC B . -9.86 8.06 11.87
O5 GLC B . -9.82 7.99 12.03
O6 GLC B . -10.26 8.24 14.60
O6 GLC B . -10.03 8.32 14.60
C1 GLC C . -10.79 4.31 -2.02
C2 GLC C . -10.82 5.73 -2.58
C3 GLC C . -12.33 5.93 -2.63
C4 GLC C . -12.95 4.84 -3.51
C5 GLC C . -12.44 3.47 -3.02
C6 GLC C . -12.99 2.26 -3.78
O1 GLC C . -9.91 3.93 -1.00
O2 GLC C . -10.18 6.66 -1.68
O3 GLC C . -12.70 7.21 -3.09
O4 GLC C . -14.38 4.85 -3.39
O5 GLC C . -11.01 3.45 -3.12
O6 GLC C . -12.72 2.38 -5.17
C1 GLC C . -15.03 5.47 -4.50
C2 GLC C . -16.15 6.37 -3.97
C3 GLC C . -17.22 5.53 -3.28
C4 GLC C . -17.73 4.45 -4.22
C5 GLC C . -16.57 3.62 -4.79
C6 GLC C . -17.04 2.56 -5.81
O2 GLC C . -15.60 7.34 -3.05
O3 GLC C . -18.32 6.36 -2.88
O4 GLC C . -18.64 3.58 -3.53
O5 GLC C . -15.58 4.48 -5.42
O6 GLC C . -17.51 3.19 -7.01
C1 GLC D . 13.48 -18.63 2.38
C2 GLC D . 12.56 -19.83 2.23
C3 GLC D . 12.20 -19.61 0.78
C4 GLC D . 11.71 -18.15 0.56
C5 GLC D . 12.59 -17.11 1.27
C6 GLC D . 12.05 -15.69 1.16
O1 GLC D . 14.86 -18.70 2.64
O2 GLC D . 13.24 -21.08 2.35
O3 GLC D . 11.22 -20.56 0.33
O4 GLC D . 11.79 -17.86 -0.85
O5 GLC D . 12.73 -17.48 2.67
O6 GLC D . 10.71 -15.62 1.67
C1 GLC D . 10.62 -18.17 -1.57
C2 GLC D . 11.04 -18.56 -2.98
C3 GLC D . 11.61 -17.35 -3.73
C4 GLC D . 10.55 -16.25 -3.71
C5 GLC D . 10.29 -15.87 -2.26
C6 GLC D . 9.32 -14.72 -2.06
O2 GLC D . 12.03 -19.59 -2.92
O3 GLC D . 11.91 -17.71 -5.08
O4 GLC D . 11.01 -15.10 -4.40
O5 GLC D . 9.75 -17.02 -1.58
O6 GLC D . 7.98 -15.20 -2.29
C1 GLC E . 19.83 -1.68 13.78
C2 GLC E . 20.62 -1.09 14.94
C3 GLC E . 21.95 -0.51 14.41
C4 GLC E . 22.69 -1.57 13.58
C5 GLC E . 21.76 -2.10 12.50
C6 GLC E . 22.40 -3.24 11.70
O1 GLC E . 18.67 -2.31 14.33
O2 GLC E . 19.80 -0.12 15.61
O3 GLC E . 22.80 -0.08 15.47
O4 GLC E . 23.83 -0.99 12.95
O5 GLC E . 20.60 -2.68 13.08
O6 GLC E . 21.50 -3.69 10.68
C1 GLC E . 25.11 -1.53 13.38
C2 GLC E . 26.05 -0.35 13.66
C3 GLC E . 26.31 0.46 12.38
C4 GLC E . 26.85 -0.47 11.31
C5 GLC E . 25.89 -1.64 11.10
C6 GLC E . 26.50 -2.63 10.12
O2 GLC E . 25.44 0.51 14.63
O3 GLC E . 27.25 1.49 12.68
O4 GLC E . 27.04 0.26 10.10
O5 GLC E . 25.68 -2.36 12.33
O6 GLC E . 25.58 -3.71 9.92
C1 GLC F . -5.41 -30.64 6.30
C2 GLC F . -5.52 -29.54 7.37
C3 GLC F . -6.98 -29.20 7.62
C4 GLC F . -7.62 -28.83 6.29
C5 GLC F . -7.42 -29.91 5.23
C6 GLC F . -7.93 -29.40 3.84
O1 GLC F . -4.01 -30.88 6.02
O2 GLC F . -4.89 -29.98 8.57
O3 GLC F . -7.08 -28.11 8.55
O4 GLC F . -9.03 -28.64 6.51
O5 GLC F . -6.03 -30.21 5.09
O6 GLC F . -7.96 -30.48 2.87
C1 GLC F . -9.48 -27.27 6.39
C2 GLC F . -10.50 -27.03 7.48
C3 GLC F . -11.76 -27.87 7.22
C4 GLC F . -12.33 -27.55 5.85
C5 GLC F . -11.25 -27.86 4.81
C6 GLC F . -11.79 -27.59 3.44
O2 GLC F . -9.90 -27.40 8.72
O3 GLC F . -12.75 -27.60 8.21
O4 GLC F . -13.49 -28.33 5.58
O5 GLC F . -10.09 -27.01 5.11
O6 GLC F . -10.76 -27.83 2.48
C1 GLC G . -3.59 29.60 13.29
C2 GLC G . -3.24 28.16 13.68
C3 GLC G . -1.78 28.13 14.13
C4 GLC G . -0.89 28.63 12.98
C5 GLC G . -1.37 30.01 12.49
C6 GLC G . -0.58 30.43 11.22
O1 GLC G . -4.97 29.65 12.97
O2 GLC G . -4.13 27.69 14.70
O3 GLC G . -1.40 26.81 14.53
O4 GLC G . 0.49 28.73 13.40
O5 GLC G . -2.77 29.94 12.15
O6 GLC G . -0.86 31.79 10.86
C1 GLC G . 1.29 27.63 12.94
C2 GLC G . 2.15 27.16 14.12
C3 GLC G . 3.09 28.28 14.55
C4 GLC G . 3.98 28.62 13.36
C5 GLC G . 3.09 29.10 12.20
C6 GLC G . 3.92 29.40 10.96
O2 GLC G . 1.28 26.73 15.18
O3 GLC G . 3.88 27.88 15.67
O4 GLC G . 4.96 29.60 13.70
O5 GLC G . 2.15 28.06 11.85
O6 GLC G . 4.49 28.19 10.46
C1 GLC H . -23.24 -8.23 -7.39
C2 GLC H . -22.03 -8.33 -8.32
C3 GLC H . -22.54 -7.89 -9.68
C4 GLC H . -23.62 -8.87 -10.18
C5 GLC H . -24.61 -9.17 -9.03
C6 GLC H . -25.53 -10.35 -9.37
O1 GLC H . -22.94 -8.23 -6.00
O2 GLC H . -20.92 -7.53 -7.86
O3 GLC H . -21.45 -7.82 -10.60
O4 GLC H . -24.45 -8.34 -11.23
O5 GLC H . -23.97 -9.41 -7.74
O6 GLC H . -24.86 -11.59 -9.11
C1 GLC H . -23.82 -8.20 -12.52
C2 GLC H . -24.46 -6.96 -13.18
C3 GLC H . -23.98 -6.77 -14.63
C4 GLC H . -23.72 -8.09 -15.34
C5 GLC H . -24.47 -9.24 -14.64
C6 GLC H . -24.48 -10.56 -15.43
O2 GLC H . -25.89 -7.07 -13.15
O3 GLC H . -22.79 -5.98 -14.63
O4 GLC H . -24.15 -7.99 -16.70
O5 GLC H . -23.91 -9.43 -13.32
O6 GLC H . -23.53 -10.54 -16.52
C1 BME I . 1.13 6.15 6.03
C2 BME I . 2.47 5.69 5.49
O1 BME I . 0.98 7.55 5.96
S2 BME I . 2.59 5.90 3.69
C TRS J . 4.12 27.99 5.02
C1 TRS J . 2.59 28.05 4.90
C2 TRS J . 4.53 27.65 6.43
C3 TRS J . 4.76 29.36 4.73
N TRS J . 4.65 26.95 4.11
O1 TRS J . 2.19 28.34 3.57
O2 TRS J . 4.24 26.32 6.73
O3 TRS J . 6.06 29.16 4.23
MG MG K . 14.57 30.40 19.86
MG MG L . -6.80 3.92 2.29
#